data_8QQ0
#
_entry.id   8QQ0
#
_cell.length_a   1.00
_cell.length_b   1.00
_cell.length_c   1.00
_cell.angle_alpha   90.00
_cell.angle_beta   90.00
_cell.angle_gamma   90.00
#
_symmetry.space_group_name_H-M   'P 1'
#
loop_
_entity.id
_entity.type
_entity.pdbx_description
1 polymer 'Spike glycoprotein,Fibritin'
2 polymer 'IgG light chain - FAB'
3 polymer 'IgG heavy chain - FAB'
4 branched 2-acetamido-2-deoxy-beta-D-glucopyranose-(1-4)-2-acetamido-2-deoxy-beta-D-glucopyranose
5 branched 2-acetamido-2-deoxy-beta-D-glucopyranose-(1-4)-[alpha-L-fucopyranose-(1-6)]2-acetamido-2-deoxy-beta-D-glucopyranose
6 non-polymer 2-acetamido-2-deoxy-beta-D-glucopyranose
#
loop_
_entity_poly.entity_id
_entity_poly.type
_entity_poly.pdbx_seq_one_letter_code
_entity_poly.pdbx_strand_id
1 'polypeptide(L)'
;MFVFLVLLPLVSSQCVNLTTRTQLPPAYTNSFTRGVYYPDKVFRSSVLHSTQDLFLPFFSNVTWFHAIHVSGTNGTKRFD
NPVLPFNDGVYFASTEKSNIIRGWIFGTTLDSKTQSLLIVNNATNVVIKVCEFQFCNDPFLGVYYHKNNKSWMESEFRVY
SSANNCTFEYVSQPFLMDLEGKQGNFKNLREFVFKNIDGYFKIYSKHTPINLVRDLPQGFSALEPLVDLPIGINITRFQT
LLALHRSYLTPGDSSSGWTAGAAAYYVGYLQPRTFLLKYNENGTITDAVDCALDPLSETKCTLKSFTVEKGIYQTSNFRV
QPTESIVRFPNITNLCPFGEVFNATRFASVYAWNRKRISNCVADYSVLYNSASFSTFKCYGVSPTKLNDLCFTNVYADSF
VIRGDEVRQIAPGQTGKIADYNYKLPDDFTGCVIAWNSNNLDSKVGGNYNYLYRLFRKSNLKPFERDISTEIYQAGSTPC
NGVEGFNCYFPLQSYGFQPTNGVGYQPYRVVVLSFELLHAPATVCGPKKSTNLVKNKCVNFNFNGLTGTGVLTESNKKFL
PFQQFGRDIADTTDAVRDPQTLEILDITPCSFGGVSVITPGTNTSNQVAVLYQDVNCTEVPVAIHADQLTPTWRVYSTGS
NVFQTRAGCLIGAEHVNNSYECDIPIGAGICASYQTQTNSPGSASSVASQSIIAYTMSLGAENSVAYSNNSIAIPTNFTI
SVTTEILPVSMTKTSVDCTMYICGDSTECSNLLLQYGSFCTQLNRALTGIAVEQDKNTQEVFAQVKQIYKTPPIKDFGGF
NFSQILPDPSKPSKRSPIEDLLFNKVTLADAGFIKQYGDCLGDIAARDLICAQKFNGLTVLPPLLTDEMIAQYTSALLAG
TITSGWTFGAGPALQIPFPMQMAYRFNGIGVTQNVLYENQKLIANQFNSAIGKIQDSLSSTPSALGKLQDVVNQNAQALN
TLVKQLSSNFGAISSVLNDILSRLDPPEAEVQIDRLITGRLQSLQTYVTQQLIRAAEIRASANLAATKMSECVLGQSKRV
DFCGKGYHLMSFPQSAPHGVVFLHVTYVPAQEKNFTTAPAICHDGKAHFPREGVFVSNGTHWFVTQRNFYEPQIITTDNT
FVSGNCDVVIGIVNNTVYDPLQPELDSFKEELDKYFKNHTSPDVDLGDISGINASVVNIQKEIDRLNEVAKNLNESLIDL
QELGKYEQGSGYIPEAPRDGQAYVRKDGEWVLLSTFLGRSLEVLFQGPGHHHHHHHHSAWSHPQFEKGGGSGGGGSGGSA
WSHPQFEK
;
A
2 'polypeptide(L)'
;QSALTQPPSASGSPGQSVTISCTGTRSDVDGYNYVSWYQQHPGKAPKLMIYEVTKRPSGVPDRFSGSKSGNTASLTVSGL
QAEDEADYYCSSYAGINNWVFGGGTKLTVLGQPKAAPSVTLFPPSSEELQANKATLVCLISDFYPGAVTVAWKADSSPVK
AGVETTTPSKQSNNKYAASSYLSLTPEQWKSHRSYSCQVTHEGSTVEKTVAPTECS
;
D
3 'polypeptide(L)'
;EVQLVQSGAEVKKPGASVKVSCKASGYTFTDHYIHWVRQAPGQGLEWMGWINPNSGGTNYTQKFKGRVTLTRDRSISTAY
MDLSRLRSDDTAVYYCAKDVPPYIVSGWLDCWGQGTLVTVSSASTKGPSVFPLAPSSKSTSGGTAALGCLVKDYFPEPVT
VSWNSGALTSGVHTFPAVLQSSGLYSLSSVVTVPSSSLGTQTYICNVNHKPSNTKVDKRVEPKSCDKTH
;
E
#
loop_
_chem_comp.id
_chem_comp.type
_chem_comp.name
_chem_comp.formula
FUC L-saccharide, alpha linking alpha-L-fucopyranose 'C6 H12 O5'
NAG D-saccharide, beta linking 2-acetamido-2-deoxy-beta-D-glucopyranose 'C8 H15 N O6'
#
# COMPACT_ATOMS: atom_id res chain seq x y z
N GLN A 14 -0.63 14.62 29.94
CA GLN A 14 0.54 13.77 29.76
C GLN A 14 1.72 14.57 29.22
N CYS A 15 1.67 15.89 29.40
CA CYS A 15 2.75 16.77 28.96
C CYS A 15 2.84 17.94 29.94
N VAL A 16 3.74 17.82 30.91
CA VAL A 16 3.87 18.79 31.99
C VAL A 16 5.07 19.68 31.71
N ASN A 17 4.98 20.94 32.12
CA ASN A 17 6.09 21.88 32.04
C ASN A 17 6.44 22.38 33.43
N LEU A 18 7.73 22.57 33.68
CA LEU A 18 8.19 23.07 34.98
C LEU A 18 9.61 23.59 34.84
N THR A 19 9.82 24.85 35.23
CA THR A 19 11.16 25.44 35.23
C THR A 19 11.12 26.64 36.16
N THR A 20 11.82 26.56 37.29
CA THR A 20 11.80 27.61 38.30
C THR A 20 13.17 28.23 38.55
N ARG A 21 14.15 27.96 37.70
CA ARG A 21 15.48 28.52 37.86
C ARG A 21 15.46 30.05 37.78
N PRO A 25 24.94 30.29 35.58
CA PRO A 25 26.40 30.37 35.77
C PRO A 25 27.02 29.02 36.10
N PRO A 26 27.18 28.16 35.09
CA PRO A 26 27.79 26.86 35.35
C PRO A 26 29.24 27.00 35.78
N ALA A 27 29.68 26.06 36.62
CA ALA A 27 31.06 26.06 37.07
C ALA A 27 31.95 25.42 36.00
N TYR A 28 33.24 25.30 36.28
CA TYR A 28 34.17 24.70 35.35
C TYR A 28 35.22 23.92 36.13
N THR A 29 35.47 22.68 35.73
CA THR A 29 36.42 21.83 36.43
C THR A 29 37.44 21.27 35.45
N ASN A 30 38.67 21.11 35.90
CA ASN A 30 39.72 20.53 35.08
C ASN A 30 39.43 19.06 34.80
N SER A 31 39.86 18.62 33.63
CA SER A 31 39.86 17.19 33.28
C SER A 31 41.32 16.82 33.06
N PHE A 32 41.95 16.24 34.08
CA PHE A 32 43.39 16.12 34.09
C PHE A 32 43.91 15.27 32.94
N THR A 33 43.64 13.97 32.96
CA THR A 33 43.99 13.07 31.86
C THR A 33 42.83 12.11 31.71
N ARG A 34 41.84 12.49 30.89
CA ARG A 34 40.58 11.78 30.85
C ARG A 34 40.08 11.70 29.42
N GLY A 35 39.52 10.54 29.04
CA GLY A 35 38.85 10.40 27.77
C GLY A 35 39.72 9.90 26.63
N VAL A 36 40.46 8.81 26.86
CA VAL A 36 41.33 8.23 25.85
C VAL A 36 40.78 6.84 25.51
N TYR A 37 40.25 6.69 24.31
CA TYR A 37 39.58 5.45 23.92
C TYR A 37 40.51 4.60 23.05
N TYR A 38 39.99 3.47 22.60
CA TYR A 38 40.74 2.54 21.77
C TYR A 38 40.47 2.87 20.31
N PRO A 39 41.43 3.43 19.57
CA PRO A 39 41.14 3.90 18.21
C PRO A 39 40.68 2.82 17.24
N ASP A 40 41.19 1.59 17.35
CA ASP A 40 40.87 0.57 16.36
C ASP A 40 41.01 -0.82 16.97
N LYS A 41 40.62 -1.83 16.18
CA LYS A 41 40.61 -3.22 16.61
C LYS A 41 41.87 -3.94 16.12
N VAL A 42 43.00 -3.61 16.73
CA VAL A 42 44.28 -4.23 16.41
C VAL A 42 45.04 -4.47 17.69
N PHE A 43 45.67 -5.64 17.81
CA PHE A 43 46.35 -6.06 19.03
C PHE A 43 47.84 -5.74 18.90
N ARG A 44 48.26 -4.64 19.52
CA ARG A 44 49.67 -4.27 19.56
C ARG A 44 50.20 -4.45 20.97
N SER A 45 51.33 -5.13 21.10
CA SER A 45 51.90 -5.48 22.40
C SER A 45 53.28 -4.83 22.54
N SER A 46 53.46 -4.09 23.64
CA SER A 46 54.74 -3.45 23.98
C SER A 46 55.22 -2.54 22.86
N VAL A 47 54.39 -1.53 22.55
CA VAL A 47 54.66 -0.62 21.45
C VAL A 47 54.34 0.80 21.90
N LEU A 48 54.94 1.78 21.24
CA LEU A 48 54.62 3.19 21.42
C LEU A 48 54.08 3.71 20.08
N HIS A 49 52.77 3.85 19.98
CA HIS A 49 52.12 4.19 18.73
C HIS A 49 51.73 5.68 18.72
N SER A 50 51.52 6.21 17.52
CA SER A 50 51.14 7.61 17.34
C SER A 50 49.86 7.67 16.52
N THR A 51 48.91 8.49 16.97
CA THR A 51 47.59 8.52 16.37
C THR A 51 47.15 9.96 16.14
N GLN A 52 46.28 10.15 15.14
CA GLN A 52 45.73 11.45 14.79
C GLN A 52 44.21 11.31 14.68
N ASP A 53 43.49 11.72 15.73
CA ASP A 53 42.04 11.51 15.75
C ASP A 53 41.38 12.61 16.54
N LEU A 54 40.07 12.44 16.76
CA LEU A 54 39.27 13.33 17.59
C LEU A 54 39.46 12.91 19.03
N PHE A 55 40.27 13.65 19.78
CA PHE A 55 40.55 13.37 21.18
C PHE A 55 40.19 14.60 22.01
N LEU A 56 40.04 14.39 23.32
CA LEU A 56 39.77 15.49 24.25
C LEU A 56 41.09 16.00 24.82
N PRO A 57 41.41 17.28 24.68
CA PRO A 57 42.73 17.78 25.08
C PRO A 57 43.04 17.51 26.55
N PHE A 58 44.28 17.76 26.90
CA PHE A 58 44.74 17.58 28.28
C PHE A 58 44.62 18.87 29.06
N PHE A 59 44.13 18.76 30.29
CA PHE A 59 43.98 19.91 31.20
C PHE A 59 43.04 20.97 30.62
N SER A 60 41.90 20.52 30.08
CA SER A 60 40.88 21.40 29.52
C SER A 60 39.98 21.89 30.64
N ASN A 61 38.82 22.46 30.28
CA ASN A 61 37.85 22.98 31.24
C ASN A 61 36.48 22.40 30.91
N VAL A 62 36.08 21.34 31.58
CA VAL A 62 34.80 20.71 31.34
C VAL A 62 33.73 21.39 32.18
N THR A 63 32.48 21.28 31.73
CA THR A 63 31.37 21.99 32.35
C THR A 63 30.58 21.07 33.26
N TRP A 64 30.24 21.57 34.45
CA TRP A 64 29.67 20.79 35.54
C TRP A 64 28.24 21.22 35.77
N PHE A 65 27.28 20.50 35.20
CA PHE A 65 25.87 20.80 35.42
C PHE A 65 25.38 20.02 36.63
N HIS A 66 24.54 20.66 37.44
CA HIS A 66 23.64 19.95 38.35
C HIS A 66 22.26 20.53 38.09
N ALA A 67 21.52 19.88 37.20
CA ALA A 67 20.23 20.35 36.72
C ALA A 67 19.09 20.06 37.69
N ILE A 68 19.40 19.73 38.93
CA ILE A 68 18.41 19.37 39.93
C ILE A 68 19.05 19.23 41.31
N ARG A 78 14.71 24.06 41.95
CA ARG A 78 15.25 24.39 40.64
C ARG A 78 15.31 23.16 39.74
N PHE A 79 15.05 23.35 38.44
CA PHE A 79 15.08 22.25 37.49
C PHE A 79 15.16 22.78 36.06
N ASP A 80 16.17 22.34 35.30
CA ASP A 80 16.30 22.71 33.89
C ASP A 80 17.31 21.85 33.16
N ASN A 81 16.88 21.18 32.08
CA ASN A 81 17.76 20.38 31.24
C ASN A 81 17.90 21.06 29.89
N PRO A 82 18.90 21.90 29.70
CA PRO A 82 19.03 22.63 28.43
C PRO A 82 19.41 21.70 27.30
N VAL A 83 19.22 22.19 26.07
CA VAL A 83 19.67 21.49 24.87
C VAL A 83 21.05 22.00 24.51
N LEU A 84 21.99 21.08 24.32
CA LEU A 84 23.39 21.41 24.17
C LEU A 84 23.86 21.14 22.74
N PRO A 85 24.95 21.78 22.31
CA PRO A 85 25.49 21.51 20.98
C PRO A 85 26.24 20.17 20.93
N PHE A 86 26.54 19.75 19.70
CA PHE A 86 27.16 18.47 19.38
C PHE A 86 28.33 18.67 18.43
N ASN A 87 29.26 19.54 18.80
CA ASN A 87 30.39 19.82 17.92
C ASN A 87 31.37 18.64 17.85
N ASP A 88 31.19 17.78 16.85
CA ASP A 88 32.15 16.74 16.48
C ASP A 88 32.17 15.53 17.41
N GLY A 89 31.45 15.59 18.52
CA GLY A 89 31.44 14.49 19.47
C GLY A 89 31.28 15.03 20.87
N VAL A 90 31.12 14.11 21.82
CA VAL A 90 30.91 14.57 23.19
C VAL A 90 31.42 13.53 24.17
N TYR A 91 31.99 14.01 25.28
CA TYR A 91 32.45 13.20 26.40
C TYR A 91 31.59 13.54 27.61
N PHE A 92 30.97 12.52 28.21
CA PHE A 92 29.94 12.71 29.22
C PHE A 92 30.26 11.84 30.42
N ALA A 93 30.38 12.43 31.60
CA ALA A 93 30.76 11.67 32.79
C ALA A 93 29.81 11.94 33.94
N SER A 94 29.57 10.91 34.76
CA SER A 94 28.67 11.08 35.89
C SER A 94 29.15 10.22 37.05
N THR A 95 28.72 10.59 38.25
CA THR A 95 29.15 9.92 39.47
C THR A 95 28.02 9.63 40.45
N GLU A 96 26.77 9.80 40.04
CA GLU A 96 25.65 9.57 40.95
C GLU A 96 25.42 8.07 41.13
N LYS A 97 25.37 7.64 42.39
CA LYS A 97 25.17 6.22 42.68
C LYS A 97 23.74 5.80 42.36
N SER A 98 22.75 6.58 42.81
CA SER A 98 21.36 6.25 42.55
C SER A 98 21.06 6.38 41.07
N ASN A 99 20.22 5.48 40.56
CA ASN A 99 19.94 5.43 39.12
C ASN A 99 18.87 6.46 38.79
N ILE A 100 19.32 7.67 38.45
CA ILE A 100 18.45 8.76 38.06
C ILE A 100 18.54 9.04 36.56
N ILE A 101 19.75 9.14 36.03
CA ILE A 101 19.95 9.41 34.61
C ILE A 101 19.75 8.10 33.84
N ARG A 102 18.79 8.11 32.92
CA ARG A 102 18.45 6.91 32.15
C ARG A 102 19.05 6.92 30.75
N GLY A 103 18.74 7.95 29.95
CA GLY A 103 19.16 7.94 28.56
C GLY A 103 19.16 9.34 27.98
N TRP A 104 19.48 9.39 26.69
CA TRP A 104 19.68 10.64 25.98
C TRP A 104 18.78 10.69 24.76
N ILE A 105 18.58 11.89 24.21
CA ILE A 105 17.87 12.07 22.96
C ILE A 105 18.75 12.87 22.01
N PHE A 106 18.80 12.45 20.75
CA PHE A 106 19.62 13.10 19.74
C PHE A 106 18.76 13.46 18.54
N GLY A 107 19.05 14.59 17.92
CA GLY A 107 18.30 15.00 16.75
C GLY A 107 18.78 16.35 16.23
N THR A 108 18.19 16.76 15.12
CA THR A 108 18.57 18.02 14.47
C THR A 108 17.66 19.17 14.90
N THR A 109 16.36 19.06 14.61
CA THR A 109 15.39 20.06 15.02
C THR A 109 14.55 19.64 16.22
N LEU A 110 14.42 18.33 16.44
CA LEU A 110 13.75 17.75 17.60
C LEU A 110 12.25 18.05 17.63
N ASP A 111 11.67 18.54 16.53
CA ASP A 111 10.26 18.92 16.51
C ASP A 111 9.57 18.30 15.28
N SER A 112 9.18 17.03 15.42
CA SER A 112 8.19 16.36 14.58
C SER A 112 8.32 16.62 13.08
N LYS A 113 9.53 16.91 12.60
CA LYS A 113 9.72 17.14 11.18
C LYS A 113 10.99 16.52 10.64
N THR A 114 11.80 15.88 11.48
CA THR A 114 13.02 15.22 11.05
C THR A 114 13.25 14.03 11.97
N GLN A 115 14.08 13.08 11.52
CA GLN A 115 14.33 11.87 12.28
C GLN A 115 15.05 12.19 13.59
N SER A 116 14.84 11.33 14.58
CA SER A 116 15.44 11.52 15.89
C SER A 116 15.72 10.16 16.52
N LEU A 117 16.62 10.16 17.50
CA LEU A 117 17.17 8.94 18.08
C LEU A 117 17.00 8.97 19.59
N LEU A 118 16.59 7.82 20.16
CA LEU A 118 16.27 7.71 21.57
C LEU A 118 16.91 6.44 22.14
N ILE A 119 17.64 6.59 23.25
CA ILE A 119 18.41 5.51 23.84
C ILE A 119 17.97 5.26 25.28
N VAL A 120 16.69 5.48 25.59
CA VAL A 120 16.22 5.24 26.95
C VAL A 120 16.29 3.76 27.25
N ASN A 121 16.84 3.41 28.41
CA ASN A 121 17.00 2.01 28.78
C ASN A 121 16.22 1.69 30.04
N ASN A 122 15.96 0.40 30.25
CA ASN A 122 15.16 -0.07 31.36
C ASN A 122 16.03 -0.86 32.34
N ALA A 123 15.38 -1.50 33.31
CA ALA A 123 16.10 -2.25 34.33
C ALA A 123 16.82 -3.46 33.77
N THR A 124 16.37 -4.03 32.65
CA THR A 124 17.05 -5.15 32.04
C THR A 124 17.14 -5.07 30.52
N ASN A 125 16.94 -3.89 29.94
CA ASN A 125 17.00 -3.74 28.48
C ASN A 125 17.51 -2.35 28.15
N VAL A 126 18.03 -2.22 26.92
CA VAL A 126 18.69 -0.99 26.49
C VAL A 126 18.10 -0.51 25.17
N VAL A 127 16.80 -0.76 24.98
CA VAL A 127 16.10 -0.52 23.71
C VAL A 127 16.46 0.82 23.09
N ILE A 128 16.74 0.81 21.78
CA ILE A 128 17.15 1.98 21.02
C ILE A 128 16.18 2.15 19.86
N LYS A 129 15.70 3.37 19.65
CA LYS A 129 14.73 3.60 18.58
C LYS A 129 15.10 4.84 17.78
N VAL A 130 15.01 4.72 16.46
CA VAL A 130 15.22 5.83 15.55
C VAL A 130 13.89 6.06 14.86
N CYS A 131 13.18 7.12 15.26
CA CYS A 131 11.81 7.31 14.82
C CYS A 131 11.60 8.80 14.58
N GLU A 132 10.41 9.17 14.11
CA GLU A 132 10.06 10.58 13.93
C GLU A 132 9.28 11.04 15.15
N PHE A 133 9.98 11.61 16.12
CA PHE A 133 9.40 11.95 17.41
C PHE A 133 8.90 13.39 17.45
N GLN A 134 7.96 13.63 18.35
CA GLN A 134 7.52 14.98 18.73
C GLN A 134 7.66 15.08 20.24
N PHE A 135 8.72 15.75 20.69
CA PHE A 135 9.05 15.80 22.11
C PHE A 135 8.32 16.94 22.82
N CYS A 136 8.26 16.84 24.13
CA CYS A 136 7.61 17.85 24.96
C CYS A 136 8.56 19.04 25.15
N ASN A 137 8.22 19.93 26.08
CA ASN A 137 9.10 21.05 26.39
C ASN A 137 10.39 20.56 27.06
N ASP A 138 10.25 19.93 28.22
CA ASP A 138 11.37 19.30 28.93
C ASP A 138 10.97 17.87 29.27
N PRO A 139 11.27 16.92 28.39
CA PRO A 139 10.84 15.53 28.62
C PRO A 139 11.52 14.91 29.83
N PHE A 140 10.81 14.00 30.47
CA PHE A 140 11.31 13.28 31.63
C PHE A 140 10.54 11.98 31.76
N LEU A 141 11.10 11.03 32.49
CA LEU A 141 10.42 9.76 32.72
C LEU A 141 9.50 9.85 33.93
N ARG A 158 5.66 10.05 28.87
CA ARG A 158 5.63 11.43 29.33
C ARG A 158 6.68 12.28 28.62
N VAL A 159 7.43 11.66 27.71
CA VAL A 159 8.50 12.34 26.99
C VAL A 159 8.06 12.77 25.60
N TYR A 160 7.39 11.91 24.85
CA TYR A 160 6.96 12.21 23.50
C TYR A 160 5.47 11.94 23.36
N SER A 161 4.92 12.39 22.23
CA SER A 161 3.49 12.27 21.95
C SER A 161 3.15 11.28 20.85
N SER A 162 4.06 11.04 19.91
CA SER A 162 3.76 10.18 18.77
C SER A 162 5.05 9.58 18.23
N ALA A 163 4.89 8.63 17.31
CA ALA A 163 6.04 7.99 16.65
C ALA A 163 5.56 7.52 15.28
N ASN A 164 5.94 8.25 14.23
CA ASN A 164 5.35 8.02 12.91
C ASN A 164 6.04 6.89 12.16
N ASN A 165 7.32 7.06 11.83
CA ASN A 165 8.05 6.10 11.01
C ASN A 165 9.27 5.60 11.78
N CYS A 166 9.18 4.37 12.28
CA CYS A 166 10.24 3.79 13.09
C CYS A 166 11.11 2.90 12.21
N THR A 167 12.34 3.35 11.94
CA THR A 167 13.20 2.78 10.93
C THR A 167 14.37 1.97 11.54
N PHE A 168 14.36 1.78 12.85
CA PHE A 168 15.43 1.03 13.48
C PHE A 168 14.93 0.48 14.81
N GLU A 169 15.61 -0.57 15.28
CA GLU A 169 15.32 -1.15 16.58
C GLU A 169 16.55 -1.93 17.03
N TYR A 170 16.65 -2.12 18.34
CA TYR A 170 17.80 -2.79 18.93
C TYR A 170 17.50 -3.07 20.39
N VAL A 171 17.84 -4.28 20.85
CA VAL A 171 17.64 -4.67 22.24
C VAL A 171 18.85 -5.49 22.69
N SER A 172 19.38 -5.18 23.87
CA SER A 172 20.51 -5.91 24.42
C SER A 172 20.60 -5.63 25.91
N GLN A 173 21.71 -6.04 26.52
CA GLN A 173 21.90 -5.86 27.94
C GLN A 173 22.07 -4.37 28.28
N PRO A 174 21.69 -3.96 29.48
CA PRO A 174 21.73 -2.53 29.82
C PRO A 174 23.14 -1.97 29.85
N PHE A 175 23.25 -0.68 29.52
CA PHE A 175 24.53 0.02 29.60
C PHE A 175 24.94 0.23 31.06
N LEU A 176 24.02 0.71 31.87
CA LEU A 176 24.33 1.09 33.25
C LEU A 176 24.00 -0.03 34.22
N LYS A 187 30.29 5.23 45.54
CA LYS A 187 30.59 6.16 44.46
C LYS A 187 31.46 5.50 43.40
N ASN A 188 30.99 5.53 42.15
CA ASN A 188 31.71 4.91 41.04
C ASN A 188 31.46 5.70 39.77
N LEU A 189 32.54 6.16 39.14
CA LEU A 189 32.44 7.05 37.99
C LEU A 189 32.12 6.26 36.73
N ARG A 190 31.13 6.72 35.98
CA ARG A 190 30.74 6.12 34.71
C ARG A 190 30.91 7.16 33.61
N GLU A 191 31.66 6.80 32.56
CA GLU A 191 32.01 7.80 31.55
C GLU A 191 31.85 7.24 30.15
N PHE A 192 31.34 8.09 29.24
CA PHE A 192 30.93 7.72 27.90
C PHE A 192 31.52 8.68 26.88
N VAL A 193 31.72 8.18 25.67
CA VAL A 193 32.14 8.98 24.52
C VAL A 193 31.24 8.66 23.35
N PHE A 194 30.66 9.70 22.74
CA PHE A 194 29.77 9.57 21.59
C PHE A 194 30.39 10.25 20.38
N LYS A 195 30.48 9.50 19.27
CA LYS A 195 30.93 10.04 17.98
C LYS A 195 29.95 9.65 16.88
N ASN A 196 29.97 10.43 15.80
CA ASN A 196 29.07 10.20 14.67
C ASN A 196 29.82 10.56 13.40
N ILE A 197 30.19 9.56 12.60
CA ILE A 197 30.89 9.81 11.35
C ILE A 197 30.39 8.84 10.28
N ASP A 198 30.16 9.37 9.07
CA ASP A 198 29.81 8.56 7.89
C ASP A 198 28.58 7.69 8.14
N GLY A 199 27.56 8.27 8.75
CA GLY A 199 26.35 7.51 9.04
C GLY A 199 26.50 6.44 10.09
N TYR A 200 27.62 6.42 10.79
CA TYR A 200 27.87 5.44 11.86
C TYR A 200 27.92 6.17 13.19
N PHE A 201 27.15 5.67 14.15
CA PHE A 201 27.11 6.20 15.50
C PHE A 201 27.90 5.26 16.41
N LYS A 202 28.91 5.80 17.10
CA LYS A 202 29.86 5.01 17.86
C LYS A 202 29.81 5.39 19.32
N ILE A 203 29.70 4.39 20.20
CA ILE A 203 29.58 4.58 21.64
C ILE A 203 30.68 3.80 22.35
N TYR A 204 31.47 4.49 23.18
CA TYR A 204 32.48 3.88 24.04
C TYR A 204 32.16 4.20 25.50
N SER A 205 32.54 3.31 26.42
CA SER A 205 32.17 3.51 27.82
C SER A 205 33.14 2.82 28.77
N LYS A 206 33.17 3.29 30.01
CA LYS A 206 33.87 2.60 31.08
C LYS A 206 33.27 2.95 32.44
N HIS A 207 33.59 2.09 33.42
CA HIS A 207 33.08 2.12 34.79
C HIS A 207 34.24 1.90 35.75
N THR A 208 34.57 2.90 36.58
CA THR A 208 35.65 2.70 37.54
C THR A 208 35.23 3.15 38.94
N PRO A 209 35.52 2.37 39.96
CA PRO A 209 35.14 2.78 41.33
C PRO A 209 36.17 3.72 41.94
N ILE A 210 35.66 4.76 42.62
CA ILE A 210 36.48 5.78 43.25
C ILE A 210 35.96 6.04 44.66
N ASN A 211 36.59 7.01 45.33
CA ASN A 211 36.20 7.39 46.68
C ASN A 211 36.64 8.82 46.99
N ASP A 215 34.45 16.49 41.32
CA ASP A 215 35.88 16.39 41.09
C ASP A 215 36.25 15.04 40.49
N LEU A 216 36.89 15.07 39.33
CA LEU A 216 37.28 13.81 38.68
C LEU A 216 38.66 13.37 39.18
N PRO A 217 38.87 12.07 39.35
CA PRO A 217 40.15 11.61 39.91
C PRO A 217 41.33 11.90 39.00
N GLN A 218 42.53 11.56 39.47
CA GLN A 218 43.75 11.64 38.69
C GLN A 218 44.27 10.25 38.39
N GLY A 219 44.66 10.03 37.15
CA GLY A 219 45.11 8.73 36.72
C GLY A 219 44.72 8.49 35.28
N PHE A 220 44.78 7.23 34.86
CA PHE A 220 44.58 6.87 33.46
C PHE A 220 43.65 5.67 33.36
N SER A 221 42.67 5.77 32.46
CA SER A 221 41.78 4.66 32.15
C SER A 221 41.34 4.78 30.70
N ALA A 222 41.41 3.67 29.97
CA ALA A 222 41.12 3.64 28.54
C ALA A 222 39.72 3.08 28.31
N LEU A 223 39.00 3.66 27.36
CA LEU A 223 37.60 3.37 27.15
C LEU A 223 37.45 2.30 26.06
N GLU A 224 36.73 1.24 26.35
CA GLU A 224 36.69 0.18 25.35
C GLU A 224 35.46 0.31 24.46
N PRO A 225 35.55 -0.10 23.19
CA PRO A 225 34.42 0.05 22.28
C PRO A 225 33.19 -0.71 22.76
N LEU A 226 32.02 -0.13 22.55
CA LEU A 226 30.82 -0.83 22.98
C LEU A 226 29.78 -1.01 21.88
N VAL A 227 29.51 0.01 21.06
CA VAL A 227 28.47 -0.12 20.03
C VAL A 227 28.82 0.68 18.79
N ASP A 228 28.48 0.12 17.63
CA ASP A 228 28.60 0.77 16.31
C ASP A 228 27.30 0.55 15.55
N LEU A 229 26.54 1.63 15.28
CA LEU A 229 25.23 1.53 14.63
C LEU A 229 25.22 2.22 13.28
N PRO A 230 24.59 1.62 12.27
CA PRO A 230 24.38 2.28 10.96
C PRO A 230 23.05 3.01 10.86
N ILE A 231 22.89 4.10 11.60
CA ILE A 231 21.61 4.81 11.60
C ILE A 231 21.43 5.62 10.34
N GLY A 232 22.32 6.58 10.08
CA GLY A 232 22.26 7.40 8.88
C GLY A 232 21.69 8.79 9.06
N ILE A 233 21.13 9.11 10.23
CA ILE A 233 20.52 10.42 10.46
C ILE A 233 21.61 11.46 10.72
N ASN A 234 21.23 12.73 10.72
CA ASN A 234 22.16 13.83 10.95
C ASN A 234 21.89 14.43 12.31
N ILE A 235 22.95 14.60 13.11
CA ILE A 235 22.85 14.98 14.51
C ILE A 235 23.65 16.25 14.73
N THR A 236 23.02 17.26 15.34
CA THR A 236 23.75 18.45 15.76
C THR A 236 23.31 19.04 17.09
N ARG A 237 22.33 18.44 17.78
CA ARG A 237 21.93 18.88 19.12
C ARG A 237 21.48 17.66 19.91
N PHE A 238 21.68 17.71 21.23
CA PHE A 238 21.32 16.58 22.08
C PHE A 238 20.81 17.09 23.42
N GLN A 239 20.23 16.19 24.19
CA GLN A 239 19.69 16.53 25.50
C GLN A 239 19.55 15.26 26.33
N THR A 240 19.79 15.37 27.62
CA THR A 240 19.63 14.25 28.54
C THR A 240 18.23 14.27 29.17
N LEU A 241 17.81 13.11 29.68
CA LEU A 241 16.52 12.99 30.34
C LEU A 241 16.67 12.22 31.64
N LEU A 242 15.93 12.65 32.66
CA LEU A 242 16.02 12.11 34.01
C LEU A 242 14.74 11.36 34.37
N ALA A 243 14.81 10.62 35.46
CA ALA A 243 13.69 9.81 35.94
C ALA A 243 13.17 10.41 37.25
N LEU A 244 11.89 10.76 37.27
CA LEU A 244 11.26 11.40 38.41
C LEU A 244 10.11 10.53 38.92
N HIS A 245 10.13 10.24 40.21
CA HIS A 245 9.09 9.42 40.84
C HIS A 245 7.84 10.24 41.09
N ALA A 260 13.11 14.94 43.00
CA ALA A 260 13.69 13.75 43.58
C ALA A 260 14.96 14.09 44.38
N GLY A 261 15.97 14.57 43.68
CA GLY A 261 17.23 14.91 44.32
C GLY A 261 18.18 15.50 43.31
N ALA A 262 19.36 15.89 43.78
CA ALA A 262 20.35 16.55 42.94
C ALA A 262 21.12 15.53 42.11
N ALA A 263 21.36 15.89 40.84
CA ALA A 263 22.09 15.04 39.92
C ALA A 263 23.09 15.90 39.16
N ALA A 264 24.35 15.46 39.12
CA ALA A 264 25.44 16.22 38.52
C ALA A 264 26.07 15.42 37.39
N TYR A 265 26.33 16.08 36.26
CA TYR A 265 27.02 15.44 35.15
C TYR A 265 27.97 16.44 34.48
N TYR A 266 28.97 15.90 33.80
CA TYR A 266 30.10 16.66 33.28
C TYR A 266 30.12 16.51 31.76
N VAL A 267 30.29 17.62 31.05
CA VAL A 267 30.26 17.62 29.59
C VAL A 267 31.52 18.28 29.03
N GLY A 268 32.10 17.64 28.02
CA GLY A 268 33.22 18.22 27.30
C GLY A 268 33.18 17.83 25.83
N TYR A 269 33.90 18.59 25.00
CA TYR A 269 33.86 18.43 23.55
C TYR A 269 35.21 17.99 23.02
N LEU A 270 35.18 17.15 21.98
CA LEU A 270 36.38 16.61 21.35
C LEU A 270 36.92 17.57 20.30
N GLN A 271 38.21 17.39 19.97
CA GLN A 271 38.89 18.20 18.98
C GLN A 271 39.88 17.35 18.20
N PRO A 272 40.21 17.75 16.96
CA PRO A 272 41.26 17.03 16.21
C PRO A 272 42.65 17.22 16.79
N ARG A 273 43.23 16.17 17.34
CA ARG A 273 44.54 16.25 17.97
C ARG A 273 45.36 15.02 17.58
N THR A 274 46.60 15.01 18.03
CA THR A 274 47.51 13.90 17.83
C THR A 274 48.07 13.44 19.18
N PHE A 275 48.02 12.13 19.42
CA PHE A 275 48.41 11.54 20.69
C PHE A 275 49.51 10.52 20.47
N LEU A 276 50.23 10.21 21.54
CA LEU A 276 51.19 9.12 21.55
C LEU A 276 50.81 8.16 22.66
N LEU A 277 50.41 6.94 22.29
CA LEU A 277 49.86 5.95 23.20
C LEU A 277 50.88 4.86 23.46
N LYS A 278 50.78 4.21 24.63
CA LYS A 278 51.69 3.15 25.01
C LYS A 278 50.91 1.87 25.26
N TYR A 279 51.20 0.83 24.48
CA TYR A 279 50.60 -0.48 24.65
C TYR A 279 51.58 -1.37 25.42
N ASN A 280 51.12 -1.93 26.53
CA ASN A 280 51.97 -2.78 27.36
C ASN A 280 51.98 -4.20 26.80
N GLU A 281 52.46 -5.16 27.60
CA GLU A 281 52.72 -6.51 27.13
C GLU A 281 51.47 -7.27 26.72
N ASN A 282 50.32 -6.95 27.31
CA ASN A 282 49.10 -7.75 27.10
C ASN A 282 48.13 -7.12 26.13
N GLY A 283 48.45 -5.98 25.55
CA GLY A 283 47.56 -5.31 24.62
C GLY A 283 46.77 -4.14 25.19
N THR A 284 46.92 -3.85 26.47
CA THR A 284 46.20 -2.76 27.12
C THR A 284 46.99 -1.47 27.03
N ILE A 285 46.27 -0.35 27.04
CA ILE A 285 46.87 0.97 27.09
C ILE A 285 47.11 1.34 28.55
N THR A 286 48.30 1.86 28.85
CA THR A 286 48.62 2.28 30.21
C THR A 286 49.12 3.70 30.32
N ASP A 287 49.43 4.39 29.23
CA ASP A 287 49.87 5.77 29.30
C ASP A 287 49.77 6.41 27.92
N ALA A 288 49.75 7.74 27.90
CA ALA A 288 49.65 8.51 26.67
C ALA A 288 50.08 9.93 26.93
N VAL A 289 50.61 10.58 25.90
CA VAL A 289 51.01 11.98 25.98
C VAL A 289 50.40 12.74 24.81
N ASP A 290 49.89 13.93 25.10
CA ASP A 290 49.33 14.80 24.07
C ASP A 290 50.48 15.51 23.35
N CYS A 291 50.54 15.34 22.04
CA CYS A 291 51.68 15.82 21.29
C CYS A 291 51.50 17.26 20.87
N ALA A 292 51.56 20.22 21.58
CA ALA A 292 50.56 21.27 21.67
C ALA A 292 50.34 21.68 23.12
N LEU A 293 50.33 20.70 24.02
CA LEU A 293 50.15 21.01 25.43
C LEU A 293 51.37 21.71 26.00
N ASP A 294 52.56 21.18 25.73
CA ASP A 294 53.80 21.71 26.27
C ASP A 294 54.84 21.77 25.16
N PRO A 295 55.79 22.71 25.25
CA PRO A 295 56.98 22.60 24.41
C PRO A 295 57.78 21.34 24.69
N LEU A 296 57.78 20.87 25.94
CA LEU A 296 58.49 19.64 26.29
C LEU A 296 57.88 18.43 25.60
N SER A 297 56.55 18.35 25.55
CA SER A 297 55.88 17.18 24.98
C SER A 297 56.18 17.04 23.49
N GLU A 298 56.36 18.15 22.78
CA GLU A 298 56.66 18.07 21.36
C GLU A 298 57.98 17.38 21.09
N THR A 299 58.95 17.51 22.00
CA THR A 299 60.23 16.84 21.82
C THR A 299 60.11 15.33 22.04
N LYS A 300 59.18 14.91 22.89
CA LYS A 300 59.04 13.47 23.16
C LYS A 300 58.53 12.72 21.93
N CYS A 301 57.71 13.37 21.10
CA CYS A 301 57.20 12.71 19.91
C CYS A 301 58.31 12.50 18.87
N THR A 302 59.14 13.52 18.66
CA THR A 302 60.19 13.41 17.66
C THR A 302 61.17 12.28 18.01
N LEU A 303 61.53 12.16 19.28
CA LEU A 303 62.34 11.04 19.73
C LEU A 303 61.55 9.75 19.85
N LYS A 304 60.22 9.82 19.77
CA LYS A 304 59.34 8.64 19.84
C LYS A 304 59.58 7.85 21.12
N SER A 305 59.65 8.56 22.24
CA SER A 305 59.84 7.91 23.53
C SER A 305 59.34 8.84 24.62
N PHE A 306 59.13 8.27 25.80
CA PHE A 306 58.75 9.06 26.98
C PHE A 306 59.98 9.71 27.61
N PRO A 322 51.60 -22.08 -2.94
CA PRO A 322 50.14 -21.91 -2.99
C PRO A 322 49.42 -23.18 -3.43
N THR A 323 48.70 -23.82 -2.51
CA THR A 323 47.99 -25.05 -2.78
C THR A 323 46.50 -24.81 -3.08
N GLU A 324 45.81 -24.09 -2.21
CA GLU A 324 44.38 -23.84 -2.39
C GLU A 324 44.06 -22.47 -1.77
N SER A 325 42.78 -22.21 -1.55
CA SER A 325 42.33 -20.96 -0.95
C SER A 325 41.13 -21.23 -0.07
N ILE A 326 41.21 -20.77 1.18
CA ILE A 326 40.14 -20.95 2.16
C ILE A 326 39.48 -19.61 2.41
N VAL A 327 38.15 -19.60 2.46
CA VAL A 327 37.37 -18.40 2.73
C VAL A 327 36.61 -18.64 4.02
N ARG A 328 36.79 -17.77 5.01
CA ARG A 328 36.11 -17.90 6.29
C ARG A 328 35.29 -16.66 6.55
N PHE A 329 34.08 -16.86 7.08
CA PHE A 329 33.16 -15.76 7.32
C PHE A 329 32.27 -16.13 8.49
N PRO A 330 31.66 -15.14 9.15
CA PRO A 330 30.79 -15.44 10.29
C PRO A 330 29.58 -16.28 9.90
N ASN A 331 28.91 -16.81 10.91
CA ASN A 331 27.76 -17.68 10.70
C ASN A 331 26.62 -16.91 10.04
N ILE A 332 25.63 -17.67 9.54
CA ILE A 332 24.45 -17.13 8.91
C ILE A 332 23.29 -17.31 9.88
N THR A 333 22.85 -16.21 10.49
CA THR A 333 21.79 -16.28 11.50
C THR A 333 20.55 -15.47 11.13
N ASN A 334 20.71 -14.18 10.80
CA ASN A 334 19.58 -13.27 10.64
C ASN A 334 18.97 -13.45 9.24
N LEU A 335 18.24 -14.55 9.08
CA LEU A 335 17.57 -14.81 7.81
C LEU A 335 16.45 -13.80 7.58
N CYS A 336 16.08 -13.65 6.32
CA CYS A 336 15.20 -12.51 6.07
C CYS A 336 13.78 -13.00 5.80
N PRO A 337 12.76 -12.32 6.33
CA PRO A 337 11.38 -12.88 6.32
C PRO A 337 10.64 -12.80 4.98
N PHE A 338 10.91 -13.78 4.11
CA PHE A 338 10.18 -13.93 2.87
C PHE A 338 9.03 -14.93 2.97
N GLY A 339 8.88 -15.60 4.12
CA GLY A 339 7.79 -16.54 4.28
C GLY A 339 6.47 -15.93 4.69
N GLU A 340 6.47 -14.69 5.15
CA GLU A 340 5.26 -14.00 5.56
C GLU A 340 4.64 -13.18 4.43
N VAL A 341 5.21 -13.24 3.23
CA VAL A 341 4.66 -12.56 2.06
C VAL A 341 4.18 -13.57 1.02
N PHE A 342 4.99 -14.58 0.74
CA PHE A 342 4.64 -15.58 -0.25
C PHE A 342 3.68 -16.64 0.28
N ASN A 343 3.48 -16.72 1.58
CA ASN A 343 2.61 -17.73 2.18
C ASN A 343 1.54 -17.10 3.06
N ALA A 344 1.10 -15.89 2.70
CA ALA A 344 0.06 -15.22 3.47
C ALA A 344 -1.27 -15.95 3.33
N THR A 345 -2.11 -15.82 4.35
CA THR A 345 -3.39 -16.52 4.33
C THR A 345 -4.36 -15.90 3.33
N ARG A 346 -4.46 -14.57 3.32
CA ARG A 346 -5.35 -13.88 2.41
C ARG A 346 -4.64 -12.68 1.81
N PHE A 347 -4.80 -12.51 0.49
CA PHE A 347 -4.18 -11.41 -0.22
C PHE A 347 -5.13 -10.21 -0.25
N ALA A 348 -4.81 -9.21 -1.05
CA ALA A 348 -5.59 -7.99 -1.14
C ALA A 348 -6.08 -7.75 -2.56
N SER A 349 -6.91 -6.73 -2.73
CA SER A 349 -7.40 -6.36 -4.05
C SER A 349 -6.29 -5.70 -4.84
N VAL A 350 -6.62 -5.25 -6.05
CA VAL A 350 -5.61 -4.64 -6.92
C VAL A 350 -5.68 -3.13 -6.81
N TYR A 351 -6.87 -2.58 -6.55
CA TYR A 351 -6.99 -1.13 -6.42
C TYR A 351 -6.49 -0.62 -5.07
N ALA A 352 -6.44 -1.47 -4.05
CA ALA A 352 -5.87 -1.14 -2.75
C ALA A 352 -4.85 -2.22 -2.42
N TRP A 353 -3.66 -2.07 -2.97
CA TRP A 353 -2.59 -3.05 -2.82
C TRP A 353 -1.81 -2.82 -1.52
N ASN A 354 -0.77 -3.61 -1.28
CA ASN A 354 -0.09 -3.63 0.00
C ASN A 354 1.41 -3.41 -0.17
N ARG A 355 2.02 -2.84 0.85
CA ARG A 355 3.43 -2.47 0.83
C ARG A 355 4.06 -2.91 2.14
N LYS A 356 5.29 -3.43 2.05
CA LYS A 356 5.97 -4.00 3.21
C LYS A 356 7.45 -3.68 3.12
N ARG A 357 7.93 -2.79 3.99
CA ARG A 357 9.33 -2.41 4.00
C ARG A 357 10.18 -3.53 4.59
N ILE A 358 11.27 -3.88 3.89
CA ILE A 358 12.19 -4.92 4.32
C ILE A 358 13.58 -4.31 4.46
N SER A 359 14.19 -4.46 5.63
CA SER A 359 15.51 -3.92 5.88
C SER A 359 16.16 -4.66 7.03
N ASN A 360 17.49 -4.57 7.09
CA ASN A 360 18.31 -5.21 8.13
C ASN A 360 18.04 -6.72 8.20
N CYS A 361 18.34 -7.40 7.09
CA CYS A 361 18.17 -8.83 7.02
C CYS A 361 19.18 -9.40 6.02
N VAL A 362 19.26 -10.72 5.98
CA VAL A 362 20.11 -11.44 5.04
C VAL A 362 19.18 -12.17 4.08
N ALA A 363 19.18 -11.74 2.82
CA ALA A 363 18.20 -12.21 1.84
C ALA A 363 18.78 -13.37 1.04
N ASP A 364 18.12 -14.52 1.10
CA ASP A 364 18.51 -15.69 0.31
C ASP A 364 17.62 -15.70 -0.93
N TYR A 365 18.15 -15.14 -2.02
CA TYR A 365 17.38 -15.01 -3.25
C TYR A 365 17.36 -16.28 -4.09
N SER A 366 18.15 -17.29 -3.73
CA SER A 366 18.24 -18.52 -4.50
C SER A 366 17.48 -19.67 -3.85
N VAL A 367 16.58 -19.38 -2.93
CA VAL A 367 15.69 -20.39 -2.39
C VAL A 367 14.29 -20.28 -2.99
N LEU A 368 13.90 -19.09 -3.46
CA LEU A 368 12.63 -18.89 -4.15
C LEU A 368 12.80 -18.79 -5.66
N TYR A 369 13.98 -19.13 -6.19
CA TYR A 369 14.14 -19.34 -7.62
C TYR A 369 14.15 -20.83 -7.96
N ASN A 370 14.98 -21.61 -7.27
CA ASN A 370 15.05 -23.05 -7.49
C ASN A 370 13.84 -23.72 -6.82
N SER A 371 12.69 -23.52 -7.46
CA SER A 371 11.43 -24.08 -6.99
C SER A 371 10.61 -24.49 -8.20
N ALA A 372 9.33 -24.80 -7.98
CA ALA A 372 8.44 -25.19 -9.06
C ALA A 372 7.07 -24.53 -8.99
N SER A 373 6.70 -23.90 -7.88
CA SER A 373 5.39 -23.27 -7.78
C SER A 373 5.25 -22.13 -8.77
N PHE A 374 6.25 -21.24 -8.83
CA PHE A 374 6.15 -20.05 -9.65
C PHE A 374 6.19 -20.41 -11.13
N SER A 375 5.27 -19.84 -11.90
CA SER A 375 5.24 -20.02 -13.34
C SER A 375 5.74 -18.80 -14.10
N THR A 376 6.27 -17.80 -13.40
CA THR A 376 6.79 -16.59 -14.04
C THR A 376 7.71 -15.89 -13.06
N PHE A 377 8.95 -15.64 -13.47
CA PHE A 377 9.97 -15.03 -12.63
C PHE A 377 10.70 -13.94 -13.40
N LYS A 378 9.96 -13.02 -13.99
CA LYS A 378 10.57 -12.08 -14.94
C LYS A 378 11.30 -10.99 -14.18
N CYS A 379 12.60 -10.82 -14.44
CA CYS A 379 13.43 -9.87 -13.72
C CYS A 379 14.01 -8.84 -14.68
N TYR A 380 13.90 -7.57 -14.31
CA TYR A 380 14.42 -6.47 -15.12
C TYR A 380 15.42 -5.66 -14.30
N GLY A 381 16.52 -5.26 -14.94
CA GLY A 381 17.51 -4.43 -14.32
C GLY A 381 18.68 -5.15 -13.69
N VAL A 382 18.54 -6.45 -13.41
CA VAL A 382 19.59 -7.26 -12.82
C VAL A 382 19.62 -8.60 -13.55
N SER A 383 20.49 -9.50 -13.07
CA SER A 383 20.56 -10.86 -13.57
C SER A 383 20.07 -11.83 -12.49
N PRO A 384 19.40 -12.92 -12.88
CA PRO A 384 18.82 -13.81 -11.86
C PRO A 384 19.83 -14.37 -10.88
N THR A 385 21.03 -14.72 -11.33
CA THR A 385 22.02 -15.40 -10.50
C THR A 385 23.09 -14.46 -9.96
N LYS A 386 22.90 -13.16 -10.10
CA LYS A 386 23.82 -12.18 -9.55
C LYS A 386 23.23 -11.45 -8.36
N LEU A 387 22.13 -11.96 -7.79
CA LEU A 387 21.48 -11.34 -6.64
C LEU A 387 22.08 -11.80 -5.31
N ASN A 388 23.05 -12.72 -5.35
CA ASN A 388 23.68 -13.22 -4.14
C ASN A 388 25.04 -12.59 -3.90
N ASP A 389 25.38 -11.51 -4.62
CA ASP A 389 26.64 -10.82 -4.42
C ASP A 389 26.47 -9.30 -4.38
N LEU A 390 25.25 -8.82 -4.18
CA LEU A 390 24.95 -7.40 -4.21
C LEU A 390 24.28 -6.98 -2.91
N CYS A 391 24.44 -5.71 -2.56
CA CYS A 391 23.85 -5.14 -1.36
C CYS A 391 23.09 -3.87 -1.71
N PHE A 392 21.91 -3.71 -1.14
CA PHE A 392 21.05 -2.58 -1.39
C PHE A 392 20.63 -1.92 -0.08
N THR A 393 20.19 -0.68 -0.18
CA THR A 393 19.74 0.03 1.01
C THR A 393 18.37 -0.46 1.47
N ASN A 394 17.45 -0.72 0.53
CA ASN A 394 16.08 -1.02 0.90
C ASN A 394 15.46 -1.95 -0.14
N VAL A 395 14.49 -2.74 0.29
CA VAL A 395 13.76 -3.66 -0.58
C VAL A 395 12.29 -3.61 -0.21
N TYR A 396 11.42 -3.57 -1.22
CA TYR A 396 9.98 -3.51 -1.02
C TYR A 396 9.30 -4.78 -1.54
N ALA A 397 7.97 -4.80 -1.43
CA ALA A 397 7.20 -5.96 -1.88
C ALA A 397 5.74 -5.55 -2.05
N ASP A 398 5.18 -5.77 -3.24
CA ASP A 398 3.80 -5.44 -3.53
C ASP A 398 3.03 -6.70 -3.92
N SER A 399 1.75 -6.76 -3.53
CA SER A 399 0.94 -7.96 -3.68
C SER A 399 -0.38 -7.64 -4.36
N PHE A 400 -0.80 -8.53 -5.27
CA PHE A 400 -2.10 -8.42 -5.92
C PHE A 400 -2.69 -9.80 -6.12
N VAL A 401 -3.98 -9.82 -6.43
CA VAL A 401 -4.65 -10.97 -7.04
C VAL A 401 -5.36 -10.48 -8.28
N ILE A 402 -4.97 -10.99 -9.45
CA ILE A 402 -5.60 -10.58 -10.70
C ILE A 402 -6.02 -11.84 -11.46
N ARG A 403 -6.50 -11.69 -12.67
CA ARG A 403 -7.01 -12.82 -13.44
C ARG A 403 -6.12 -13.10 -14.64
N GLY A 404 -5.78 -14.37 -14.84
CA GLY A 404 -5.35 -14.90 -16.11
C GLY A 404 -4.45 -14.04 -16.96
N ASP A 405 -4.96 -13.70 -18.16
CA ASP A 405 -4.19 -12.97 -19.15
C ASP A 405 -4.19 -11.46 -18.89
N GLU A 406 -3.86 -11.05 -17.67
CA GLU A 406 -3.54 -9.67 -17.38
C GLU A 406 -2.14 -9.49 -16.80
N VAL A 407 -1.46 -10.58 -16.44
CA VAL A 407 -0.11 -10.48 -15.90
C VAL A 407 0.85 -9.90 -16.92
N ARG A 408 0.50 -9.93 -18.20
CA ARG A 408 1.35 -9.31 -19.21
C ARG A 408 1.28 -7.79 -19.19
N GLN A 409 0.38 -7.21 -18.40
CA GLN A 409 0.32 -5.76 -18.27
C GLN A 409 1.14 -5.24 -17.10
N ILE A 410 1.74 -6.12 -16.31
CA ILE A 410 2.63 -5.71 -15.22
C ILE A 410 4.04 -5.79 -15.78
N ALA A 411 4.48 -4.70 -16.40
CA ALA A 411 5.78 -4.62 -17.04
C ALA A 411 6.07 -3.16 -17.34
N PRO A 412 7.34 -2.79 -17.49
CA PRO A 412 7.67 -1.40 -17.82
C PRO A 412 7.23 -1.06 -19.25
N GLY A 413 6.33 -0.11 -19.38
CA GLY A 413 5.84 0.29 -20.68
C GLY A 413 4.67 -0.53 -21.19
N GLN A 414 3.56 -0.55 -20.44
CA GLN A 414 2.36 -1.26 -20.84
C GLN A 414 1.14 -0.41 -20.51
N THR A 415 -0.01 -0.87 -21.00
CA THR A 415 -1.29 -0.21 -20.76
C THR A 415 -2.40 -1.26 -20.84
N GLY A 416 -3.65 -0.81 -20.77
CA GLY A 416 -4.74 -1.76 -20.87
C GLY A 416 -5.72 -1.82 -19.71
N LYS A 417 -5.94 -0.69 -19.04
CA LYS A 417 -6.96 -0.47 -18.01
C LYS A 417 -6.58 -1.02 -16.64
N ILE A 418 -5.47 -1.74 -16.51
CA ILE A 418 -4.94 -2.07 -15.18
C ILE A 418 -3.58 -1.43 -14.93
N ALA A 419 -2.83 -1.11 -15.98
CA ALA A 419 -1.63 -0.31 -15.85
C ALA A 419 -1.92 1.19 -15.93
N ASP A 420 -3.19 1.56 -16.11
CA ASP A 420 -3.59 2.96 -16.21
C ASP A 420 -4.24 3.48 -14.93
N TYR A 421 -5.14 2.70 -14.33
CA TYR A 421 -5.89 3.16 -13.17
C TYR A 421 -5.61 2.40 -11.89
N ASN A 422 -4.85 1.31 -11.93
CA ASN A 422 -4.68 0.46 -10.77
C ASN A 422 -3.25 0.38 -10.26
N TYR A 423 -2.28 0.08 -11.13
CA TYR A 423 -0.90 -0.11 -10.69
C TYR A 423 0.02 0.07 -11.88
N LYS A 424 0.91 1.06 -11.81
CA LYS A 424 1.82 1.39 -12.89
C LYS A 424 3.25 1.36 -12.40
N LEU A 425 4.14 0.81 -13.23
CA LEU A 425 5.57 0.64 -13.02
C LEU A 425 6.36 1.75 -13.70
N PRO A 426 7.45 2.21 -13.07
CA PRO A 426 8.26 3.27 -13.69
C PRO A 426 8.97 2.75 -14.93
N ASP A 427 9.57 3.69 -15.66
CA ASP A 427 10.27 3.34 -16.90
C ASP A 427 11.60 2.66 -16.62
N ASP A 428 12.36 3.16 -15.64
CA ASP A 428 13.67 2.59 -15.30
C ASP A 428 13.55 1.67 -14.10
N PHE A 429 12.79 0.59 -14.30
CA PHE A 429 12.53 -0.35 -13.23
C PHE A 429 13.75 -1.23 -12.95
N THR A 430 13.96 -1.55 -11.67
CA THR A 430 15.02 -2.43 -11.21
C THR A 430 14.41 -3.40 -10.19
N GLY A 431 13.91 -4.53 -10.66
CA GLY A 431 13.22 -5.43 -9.77
C GLY A 431 12.83 -6.73 -10.45
N CYS A 432 11.86 -7.41 -9.84
CA CYS A 432 11.40 -8.71 -10.33
C CYS A 432 9.90 -8.86 -10.11
N VAL A 433 9.27 -9.67 -10.96
CA VAL A 433 7.84 -9.93 -10.93
C VAL A 433 7.61 -11.43 -10.91
N ILE A 434 6.86 -11.91 -9.92
CA ILE A 434 6.64 -13.34 -9.70
C ILE A 434 5.14 -13.57 -9.54
N ALA A 435 4.57 -14.43 -10.38
CA ALA A 435 3.14 -14.68 -10.35
C ALA A 435 2.88 -16.18 -10.43
N TRP A 436 1.91 -16.66 -9.67
CA TRP A 436 1.58 -18.09 -9.70
C TRP A 436 0.08 -18.29 -9.58
N ASN A 437 -0.40 -19.38 -10.17
CA ASN A 437 -1.83 -19.70 -10.18
C ASN A 437 -2.29 -20.14 -8.80
N SER A 438 -3.48 -19.70 -8.41
CA SER A 438 -4.07 -20.08 -7.14
C SER A 438 -5.55 -20.39 -7.31
N ASN A 439 -5.87 -21.19 -8.33
CA ASN A 439 -7.26 -21.53 -8.59
C ASN A 439 -7.89 -22.39 -7.49
N ASN A 440 -7.08 -23.07 -6.69
CA ASN A 440 -7.57 -23.97 -5.66
C ASN A 440 -7.83 -23.28 -4.33
N LEU A 441 -7.65 -21.97 -4.24
CA LEU A 441 -7.81 -21.26 -2.98
C LEU A 441 -8.67 -20.00 -3.08
N ASP A 442 -8.86 -19.44 -4.27
CA ASP A 442 -9.57 -18.18 -4.43
C ASP A 442 -10.82 -18.31 -5.29
N SER A 443 -11.30 -19.52 -5.53
CA SER A 443 -12.51 -19.74 -6.30
C SER A 443 -13.56 -20.42 -5.41
N LYS A 444 -14.82 -20.33 -5.83
CA LYS A 444 -15.92 -20.92 -5.08
C LYS A 444 -17.02 -21.31 -6.05
N VAL A 445 -17.91 -22.19 -5.58
CA VAL A 445 -18.97 -22.72 -6.43
C VAL A 445 -19.94 -21.61 -6.84
N GLY A 446 -20.24 -20.70 -5.92
CA GLY A 446 -21.10 -19.57 -6.23
C GLY A 446 -20.32 -18.42 -6.82
N GLY A 447 -19.26 -18.00 -6.13
CA GLY A 447 -18.41 -16.93 -6.59
C GLY A 447 -17.72 -16.21 -5.46
N ASN A 448 -16.46 -15.82 -5.66
CA ASN A 448 -15.75 -15.08 -4.61
C ASN A 448 -16.37 -13.71 -4.40
N TYR A 449 -16.54 -12.94 -5.47
CA TYR A 449 -17.20 -11.63 -5.43
C TYR A 449 -16.55 -10.71 -4.41
N ASN A 450 -15.26 -10.89 -4.14
CA ASN A 450 -14.56 -10.13 -3.13
C ASN A 450 -13.43 -9.28 -3.67
N TYR A 451 -12.93 -9.56 -4.87
CA TYR A 451 -11.82 -8.81 -5.44
C TYR A 451 -12.37 -7.84 -6.48
N LEU A 452 -12.07 -6.56 -6.29
CA LEU A 452 -12.58 -5.49 -7.15
C LEU A 452 -11.44 -4.89 -7.95
N TYR A 453 -11.80 -4.00 -8.87
CA TYR A 453 -10.81 -3.20 -9.59
C TYR A 453 -11.46 -1.94 -10.11
N ARG A 454 -10.65 -0.91 -10.30
CA ARG A 454 -11.13 0.37 -10.79
C ARG A 454 -11.39 0.28 -12.29
N LEU A 455 -12.39 1.01 -12.74
CA LEU A 455 -12.81 0.87 -14.13
C LEU A 455 -12.97 2.23 -14.82
N PHE A 456 -13.27 3.27 -14.06
CA PHE A 456 -13.46 4.62 -14.59
C PHE A 456 -12.61 5.59 -13.78
N ARG A 457 -11.88 6.45 -14.47
CA ARG A 457 -11.06 7.44 -13.77
C ARG A 457 -10.79 8.61 -14.70
N LYS A 458 -10.42 9.74 -14.10
CA LYS A 458 -10.25 10.99 -14.83
C LYS A 458 -8.91 11.05 -15.54
N SER A 459 -7.83 10.63 -14.88
CA SER A 459 -6.51 10.70 -15.45
C SER A 459 -5.71 9.46 -15.05
N ASN A 460 -4.64 9.20 -15.79
CA ASN A 460 -3.80 8.04 -15.52
C ASN A 460 -3.03 8.23 -14.21
N LEU A 461 -2.52 7.13 -13.68
CA LEU A 461 -1.81 7.13 -12.42
C LEU A 461 -0.33 7.44 -12.62
N LYS A 462 0.24 8.17 -11.66
CA LYS A 462 1.67 8.34 -11.60
C LYS A 462 2.31 7.07 -11.01
N PRO A 463 3.58 6.81 -11.32
CA PRO A 463 4.22 5.58 -10.82
C PRO A 463 4.11 5.46 -9.30
N PHE A 464 3.73 4.27 -8.85
CA PHE A 464 3.62 3.93 -7.43
C PHE A 464 2.69 4.90 -6.70
N GLU A 465 1.48 5.05 -7.24
CA GLU A 465 0.46 5.91 -6.64
C GLU A 465 -0.80 5.09 -6.40
N ARG A 466 -1.35 5.20 -5.20
CA ARG A 466 -2.52 4.43 -4.79
C ARG A 466 -3.74 5.34 -4.68
N ASP A 467 -4.89 4.84 -5.12
CA ASP A 467 -6.16 5.51 -4.95
C ASP A 467 -7.16 4.56 -4.33
N ILE A 468 -7.86 5.02 -3.29
CA ILE A 468 -8.79 4.17 -2.55
C ILE A 468 -10.18 4.77 -2.45
N SER A 469 -10.37 6.03 -2.80
CA SER A 469 -11.66 6.68 -2.68
C SER A 469 -12.69 6.05 -3.62
N THR A 470 -13.96 6.37 -3.36
CA THR A 470 -15.08 5.76 -4.07
C THR A 470 -16.10 6.81 -4.48
N GLU A 471 -15.64 8.00 -4.87
CA GLU A 471 -16.53 9.03 -5.35
C GLU A 471 -17.09 8.67 -6.72
N ILE A 472 -18.37 8.94 -6.93
CA ILE A 472 -19.04 8.56 -8.18
C ILE A 472 -18.49 9.39 -9.32
N TYR A 473 -18.19 8.73 -10.44
CA TYR A 473 -17.51 9.36 -11.56
C TYR A 473 -18.51 10.11 -12.42
N GLN A 474 -18.40 11.43 -12.43
CA GLN A 474 -19.29 12.28 -13.23
C GLN A 474 -18.83 12.29 -14.68
N ALA A 475 -19.65 11.70 -15.56
CA ALA A 475 -19.34 11.68 -16.98
C ALA A 475 -20.10 12.74 -17.76
N GLY A 476 -20.77 13.67 -17.07
CA GLY A 476 -21.53 14.69 -17.75
C GLY A 476 -21.39 16.06 -17.12
N SER A 477 -22.18 17.02 -17.61
CA SER A 477 -22.10 18.39 -17.09
C SER A 477 -22.77 18.52 -15.72
N THR A 478 -23.93 17.91 -15.55
CA THR A 478 -24.67 18.06 -14.31
C THR A 478 -23.93 17.40 -13.15
N PRO A 479 -23.82 18.06 -12.00
CA PRO A 479 -23.20 17.42 -10.83
C PRO A 479 -23.99 16.19 -10.40
N CYS A 480 -23.26 15.17 -9.95
CA CYS A 480 -23.91 13.95 -9.49
C CYS A 480 -24.69 14.17 -8.19
N ASN A 481 -24.14 14.96 -7.28
CA ASN A 481 -24.69 15.11 -5.93
C ASN A 481 -24.74 13.76 -5.20
N GLY A 482 -23.81 12.88 -5.54
CA GLY A 482 -23.70 11.59 -4.86
C GLY A 482 -24.86 10.65 -5.08
N VAL A 483 -25.33 10.54 -6.33
CA VAL A 483 -26.37 9.59 -6.68
C VAL A 483 -25.96 8.86 -7.96
N GLU A 484 -26.25 7.56 -8.01
CA GLU A 484 -25.93 6.72 -9.16
C GLU A 484 -27.10 6.75 -10.13
N GLY A 485 -26.89 7.36 -11.30
CA GLY A 485 -27.99 7.57 -12.21
C GLY A 485 -27.65 7.54 -13.69
N PHE A 486 -28.05 8.62 -14.38
CA PHE A 486 -27.96 8.67 -15.83
C PHE A 486 -26.52 8.74 -16.31
N ASN A 487 -25.82 9.83 -16.03
CA ASN A 487 -24.44 10.02 -16.45
C ASN A 487 -23.50 10.04 -15.26
N CYS A 488 -23.80 9.23 -14.24
CA CYS A 488 -22.98 9.18 -13.03
C CYS A 488 -22.67 7.72 -12.75
N TYR A 489 -21.56 7.24 -13.31
CA TYR A 489 -21.22 5.82 -13.24
C TYR A 489 -20.57 5.47 -11.91
N PHE A 490 -20.78 4.24 -11.49
CA PHE A 490 -20.12 3.70 -10.29
C PHE A 490 -18.80 3.06 -10.70
N PRO A 491 -17.66 3.61 -10.27
CA PRO A 491 -16.36 3.19 -10.82
C PRO A 491 -15.69 2.08 -10.03
N LEU A 492 -16.38 0.96 -9.86
CA LEU A 492 -15.81 -0.13 -9.06
C LEU A 492 -16.55 -1.42 -9.43
N GLN A 493 -15.85 -2.35 -10.08
CA GLN A 493 -16.46 -3.57 -10.57
C GLN A 493 -15.75 -4.78 -9.95
N SER A 494 -16.51 -5.85 -9.74
CA SER A 494 -16.03 -7.03 -9.03
C SER A 494 -15.66 -8.15 -9.99
N TYR A 495 -14.57 -8.85 -9.67
CA TYR A 495 -14.20 -10.05 -10.42
C TYR A 495 -15.14 -11.20 -10.08
N GLY A 496 -15.51 -11.97 -11.09
CA GLY A 496 -16.33 -13.14 -10.85
C GLY A 496 -15.57 -14.43 -11.01
N PHE A 497 -15.24 -15.10 -9.90
CA PHE A 497 -14.41 -16.28 -9.90
C PHE A 497 -15.23 -17.52 -9.59
N GLN A 498 -14.98 -18.59 -10.34
CA GLN A 498 -15.67 -19.87 -10.15
C GLN A 498 -14.82 -20.96 -10.78
N PRO A 499 -14.87 -22.21 -10.25
CA PRO A 499 -13.98 -23.28 -10.73
C PRO A 499 -14.48 -23.97 -11.98
N THR A 500 -14.84 -23.18 -12.99
CA THR A 500 -15.19 -23.70 -14.31
C THR A 500 -14.55 -22.92 -15.45
N ASN A 501 -14.12 -21.68 -15.22
CA ASN A 501 -13.54 -20.87 -16.28
C ASN A 501 -12.21 -21.46 -16.74
N GLY A 502 -11.93 -21.29 -18.03
CA GLY A 502 -10.67 -21.75 -18.57
C GLY A 502 -9.51 -20.88 -18.13
N VAL A 503 -8.30 -21.30 -18.51
CA VAL A 503 -7.12 -20.47 -18.27
C VAL A 503 -7.30 -19.14 -18.98
N GLY A 504 -6.89 -18.07 -18.31
CA GLY A 504 -7.22 -16.73 -18.73
C GLY A 504 -8.33 -16.09 -17.94
N TYR A 505 -8.99 -16.87 -17.07
CA TYR A 505 -10.01 -16.33 -16.16
C TYR A 505 -9.82 -16.83 -14.75
N GLN A 506 -8.71 -17.49 -14.44
CA GLN A 506 -8.57 -18.03 -13.10
C GLN A 506 -7.59 -17.19 -12.28
N PRO A 507 -7.75 -17.13 -10.96
CA PRO A 507 -7.03 -16.13 -10.15
C PRO A 507 -5.54 -16.45 -10.05
N TYR A 508 -4.71 -15.50 -10.47
CA TYR A 508 -3.27 -15.56 -10.32
C TYR A 508 -2.84 -14.56 -9.26
N ARG A 509 -2.04 -15.01 -8.31
CA ARG A 509 -1.49 -14.14 -7.28
C ARG A 509 -0.15 -13.60 -7.75
N VAL A 510 0.09 -12.32 -7.50
CA VAL A 510 1.26 -11.63 -8.03
C VAL A 510 2.01 -10.93 -6.90
N VAL A 511 3.34 -10.99 -6.96
CA VAL A 511 4.23 -10.32 -6.01
C VAL A 511 5.35 -9.64 -6.80
N VAL A 512 5.62 -8.38 -6.47
CA VAL A 512 6.62 -7.58 -7.16
C VAL A 512 7.67 -7.13 -6.14
N LEU A 513 8.94 -7.35 -6.45
CA LEU A 513 10.05 -6.97 -5.59
C LEU A 513 10.81 -5.82 -6.23
N SER A 514 11.06 -4.76 -5.44
CA SER A 514 11.74 -3.56 -5.90
C SER A 514 12.92 -3.26 -5.00
N PHE A 515 14.00 -2.78 -5.60
CA PHE A 515 15.26 -2.50 -4.92
C PHE A 515 15.54 -1.00 -4.91
N GLU A 516 16.08 -0.50 -3.80
CA GLU A 516 16.38 0.91 -3.63
C GLU A 516 17.76 1.09 -3.02
N LEU A 517 18.49 2.09 -3.51
CA LEU A 517 19.86 2.35 -3.07
C LEU A 517 20.11 3.86 -3.15
N LEU A 518 20.32 4.50 -2.00
CA LEU A 518 20.56 5.95 -1.99
C LEU A 518 21.22 6.38 -0.69
N HIS A 519 22.45 6.91 -0.79
CA HIS A 519 23.03 7.82 0.19
C HIS A 519 23.17 7.27 1.61
N ALA A 520 22.86 6.00 1.83
CA ALA A 520 22.89 5.42 3.17
C ALA A 520 23.68 4.12 3.14
N PRO A 521 24.25 3.72 4.27
CA PRO A 521 24.96 2.44 4.33
C PRO A 521 24.02 1.28 4.01
N ALA A 522 24.53 0.30 3.27
CA ALA A 522 23.72 -0.82 2.81
C ALA A 522 23.60 -1.88 3.88
N THR A 523 22.38 -2.30 4.18
CA THR A 523 22.10 -3.29 5.21
C THR A 523 21.64 -4.63 4.65
N VAL A 524 20.80 -4.64 3.63
CA VAL A 524 20.31 -5.88 3.04
C VAL A 524 21.42 -6.46 2.17
N CYS A 525 21.85 -7.68 2.49
CA CYS A 525 22.97 -8.30 1.79
C CYS A 525 22.74 -9.80 1.70
N GLY A 526 23.39 -10.43 0.73
CA GLY A 526 23.27 -11.85 0.53
C GLY A 526 24.18 -12.64 1.43
N PRO A 527 24.00 -13.96 1.44
CA PRO A 527 24.84 -14.83 2.26
C PRO A 527 26.27 -14.86 1.75
N LYS A 528 27.18 -15.23 2.64
CA LYS A 528 28.60 -15.34 2.34
C LYS A 528 29.09 -16.73 2.73
N LYS A 529 29.66 -17.45 1.76
CA LYS A 529 30.04 -18.84 1.97
C LYS A 529 31.35 -18.94 2.75
N SER A 530 31.62 -20.15 3.26
CA SER A 530 32.81 -20.44 4.03
C SER A 530 33.29 -21.83 3.66
N THR A 531 34.60 -22.00 3.50
CA THR A 531 35.07 -23.28 2.95
C THR A 531 35.50 -24.29 3.99
N ASN A 532 36.59 -24.03 4.71
CA ASN A 532 37.20 -25.02 5.59
C ASN A 532 38.33 -24.35 6.37
N LEU A 533 39.08 -25.15 7.12
CA LEU A 533 40.29 -24.68 7.78
C LEU A 533 41.34 -25.77 7.70
N VAL A 534 42.39 -25.54 6.93
CA VAL A 534 43.53 -26.45 6.83
C VAL A 534 44.73 -25.75 7.45
N LYS A 535 45.46 -26.49 8.28
CA LYS A 535 46.58 -25.94 9.04
C LYS A 535 47.85 -26.69 8.68
N ASN A 536 48.98 -26.00 8.87
CA ASN A 536 50.32 -26.53 8.55
C ASN A 536 50.48 -26.78 7.06
N LYS A 537 49.97 -25.87 6.24
CA LYS A 537 50.14 -25.90 4.80
C LYS A 537 50.25 -24.47 4.28
N CYS A 538 50.85 -24.34 3.09
CA CYS A 538 51.01 -23.02 2.46
C CYS A 538 49.80 -22.78 1.57
N VAL A 539 48.85 -21.96 2.05
CA VAL A 539 47.58 -21.73 1.37
C VAL A 539 47.25 -20.24 1.41
N ASN A 540 46.30 -19.85 0.57
CA ASN A 540 45.69 -18.53 0.65
C ASN A 540 44.65 -18.50 1.77
N PHE A 541 44.19 -17.29 2.10
CA PHE A 541 43.15 -17.16 3.11
C PHE A 541 42.45 -15.82 2.92
N ASN A 542 41.19 -15.78 3.37
CA ASN A 542 40.34 -14.60 3.26
C ASN A 542 39.57 -14.37 4.55
N PHE A 543 40.29 -14.35 5.69
CA PHE A 543 39.61 -14.22 6.97
C PHE A 543 38.84 -12.90 7.05
N ASN A 544 37.52 -13.00 6.91
CA ASN A 544 36.60 -11.87 7.08
C ASN A 544 36.95 -10.68 6.20
N GLY A 545 37.61 -10.89 5.07
CA GLY A 545 37.98 -9.80 4.19
C GLY A 545 39.44 -9.40 4.24
N LEU A 546 40.25 -10.06 5.06
CA LEU A 546 41.69 -9.77 5.15
C LEU A 546 42.44 -10.79 4.30
N THR A 547 42.44 -10.56 2.99
CA THR A 547 43.03 -11.51 2.06
C THR A 547 44.54 -11.60 2.24
N GLY A 548 45.08 -12.80 2.00
CA GLY A 548 46.52 -12.99 2.12
C GLY A 548 46.91 -14.41 1.79
N THR A 549 48.20 -14.70 1.98
CA THR A 549 48.76 -16.01 1.71
C THR A 549 49.82 -16.36 2.75
N GLY A 550 49.83 -17.61 3.19
CA GLY A 550 50.80 -18.03 4.20
C GLY A 550 50.44 -19.37 4.79
N VAL A 551 50.94 -19.62 6.00
CA VAL A 551 50.74 -20.87 6.72
C VAL A 551 50.13 -20.55 8.09
N LEU A 552 49.11 -21.30 8.47
CA LEU A 552 48.36 -21.06 9.70
C LEU A 552 48.61 -22.17 10.70
N THR A 553 49.05 -21.80 11.90
CA THR A 553 49.26 -22.77 12.98
C THR A 553 48.81 -22.14 14.29
N GLU A 554 48.34 -22.99 15.20
CA GLU A 554 47.82 -22.50 16.47
C GLU A 554 48.92 -21.88 17.30
N SER A 555 48.61 -20.76 17.94
CA SER A 555 49.58 -20.02 18.75
C SER A 555 49.05 -19.85 20.17
N ASN A 556 49.79 -19.10 20.97
CA ASN A 556 49.49 -18.94 22.39
C ASN A 556 49.24 -17.49 22.80
N LYS A 557 49.10 -16.57 21.86
CA LYS A 557 48.82 -15.20 22.21
C LYS A 557 47.37 -15.05 22.65
N LYS A 558 47.12 -14.04 23.47
CA LYS A 558 45.80 -13.80 24.05
C LYS A 558 45.33 -12.41 23.65
N PHE A 559 44.36 -12.37 22.75
CA PHE A 559 43.76 -11.11 22.34
C PHE A 559 42.79 -10.62 23.42
N LEU A 560 42.58 -9.32 23.46
CA LEU A 560 41.45 -8.79 24.21
C LEU A 560 40.16 -9.15 23.48
N PRO A 561 39.03 -9.18 24.19
CA PRO A 561 37.81 -9.75 23.60
C PRO A 561 37.35 -9.08 22.31
N PHE A 562 37.58 -7.78 22.13
CA PHE A 562 37.06 -7.05 20.98
C PHE A 562 38.07 -6.90 19.85
N GLN A 563 39.25 -7.50 19.97
CA GLN A 563 40.32 -7.33 19.00
C GLN A 563 40.32 -8.54 18.07
N GLN A 564 40.33 -8.27 16.76
CA GLN A 564 40.14 -9.33 15.77
C GLN A 564 41.16 -9.30 14.65
N PHE A 565 42.32 -8.68 14.85
CA PHE A 565 43.23 -8.43 13.73
C PHE A 565 44.58 -9.08 13.90
N GLY A 566 45.20 -8.94 15.07
CA GLY A 566 46.56 -9.42 15.22
C GLY A 566 47.56 -8.29 15.21
N ARG A 567 48.56 -8.38 14.34
CA ARG A 567 49.56 -7.33 14.17
C ARG A 567 50.33 -7.08 15.46
N GLN B 1 -43.35 13.92 -15.04
CA GLN B 1 -42.37 14.11 -16.12
C GLN B 1 -43.06 14.48 -17.42
N SER B 2 -42.46 14.07 -18.54
CA SER B 2 -42.99 14.38 -19.86
C SER B 2 -44.10 13.39 -20.21
N ALA B 3 -44.61 13.49 -21.43
CA ALA B 3 -45.66 12.57 -21.88
C ALA B 3 -45.64 12.55 -23.41
N LEU B 4 -45.34 11.39 -23.98
CA LEU B 4 -45.24 11.24 -25.43
C LEU B 4 -46.59 10.88 -26.02
N THR B 5 -46.90 11.44 -27.18
CA THR B 5 -48.18 11.21 -27.84
C THR B 5 -47.96 10.75 -29.27
N GLN B 6 -48.74 9.76 -29.69
CA GLN B 6 -48.70 9.24 -31.05
C GLN B 6 -50.10 8.85 -31.48
N PRO B 7 -50.39 8.88 -32.79
CA PRO B 7 -51.77 8.68 -33.24
C PRO B 7 -52.28 7.31 -32.83
N PRO B 8 -53.57 7.21 -32.50
CA PRO B 8 -54.13 5.91 -32.10
C PRO B 8 -54.09 4.86 -33.19
N SER B 9 -54.14 5.25 -34.46
CA SER B 9 -54.27 4.28 -35.53
C SER B 9 -53.58 4.78 -36.79
N ALA B 10 -53.29 3.83 -37.68
CA ALA B 10 -52.72 4.11 -39.00
C ALA B 10 -53.00 2.90 -39.88
N SER B 11 -52.83 3.09 -41.18
CA SER B 11 -53.07 2.01 -42.13
C SER B 11 -52.31 2.30 -43.42
N GLY B 12 -52.12 1.24 -44.21
CA GLY B 12 -51.41 1.37 -45.47
C GLY B 12 -51.81 0.28 -46.44
N SER B 13 -51.44 0.49 -47.71
CA SER B 13 -51.69 -0.43 -48.82
C SER B 13 -50.51 -1.38 -48.99
N PRO B 14 -50.77 -2.65 -49.31
CA PRO B 14 -49.66 -3.60 -49.50
C PRO B 14 -48.69 -3.15 -50.57
N GLY B 15 -47.44 -2.88 -50.17
CA GLY B 15 -46.44 -2.32 -51.04
C GLY B 15 -46.15 -0.86 -50.82
N GLN B 16 -46.96 -0.16 -50.01
CA GLN B 16 -46.77 1.25 -49.74
C GLN B 16 -45.87 1.43 -48.52
N SER B 17 -45.86 2.64 -47.97
CA SER B 17 -45.04 2.97 -46.80
C SER B 17 -45.89 3.69 -45.75
N VAL B 18 -45.51 3.54 -44.49
CA VAL B 18 -46.19 4.17 -43.37
C VAL B 18 -45.16 4.90 -42.51
N THR B 19 -45.62 5.91 -41.78
CA THR B 19 -44.75 6.85 -41.09
C THR B 19 -45.24 7.13 -39.66
N ILE B 20 -45.49 6.07 -38.90
CA ILE B 20 -45.93 6.22 -37.51
C ILE B 20 -44.99 7.16 -36.77
N SER B 21 -45.57 8.15 -36.09
CA SER B 21 -44.84 9.28 -35.52
C SER B 21 -44.72 9.14 -34.00
N CYS B 22 -44.00 10.09 -33.41
CA CYS B 22 -43.83 10.21 -31.96
C CYS B 22 -43.39 11.64 -31.67
N THR B 23 -43.75 12.15 -30.50
CA THR B 23 -43.44 13.53 -30.16
C THR B 23 -43.46 13.70 -28.65
N GLY B 24 -42.83 14.79 -28.19
CA GLY B 24 -42.74 15.09 -26.78
C GLY B 24 -41.42 14.64 -26.19
N THR B 25 -40.56 14.07 -27.05
CA THR B 25 -39.30 13.50 -26.61
C THR B 25 -38.41 14.58 -26.02
N ARG B 26 -37.61 14.20 -25.03
CA ARG B 26 -36.65 15.10 -24.43
C ARG B 26 -35.73 15.67 -25.52
N SER B 27 -35.61 16.99 -25.55
CA SER B 27 -34.85 17.70 -26.58
C SER B 27 -33.74 18.48 -25.91
N ASP B 28 -32.59 17.83 -25.73
CA ASP B 28 -31.42 18.42 -25.12
C ASP B 28 -30.19 17.75 -25.71
N VAL B 29 -29.10 18.50 -25.84
CA VAL B 29 -27.87 17.97 -26.42
C VAL B 29 -27.43 16.74 -25.64
N ASP B 30 -27.42 16.84 -24.31
CA ASP B 30 -27.02 15.73 -23.44
C ASP B 30 -28.25 14.88 -23.11
N GLY B 31 -28.54 13.95 -24.02
CA GLY B 31 -29.72 13.11 -23.87
C GLY B 31 -30.63 13.14 -25.09
N TYR B 32 -30.07 13.52 -26.23
CA TYR B 32 -30.83 13.67 -27.47
C TYR B 32 -31.06 12.34 -28.17
N ASN B 33 -30.09 11.43 -28.12
CA ASN B 33 -30.08 10.21 -28.92
C ASN B 33 -30.83 9.06 -28.29
N TYR B 34 -31.69 9.31 -27.29
CA TYR B 34 -32.27 8.23 -26.49
C TYR B 34 -33.73 8.03 -26.87
N VAL B 35 -33.94 7.25 -27.93
CA VAL B 35 -35.27 6.89 -28.41
C VAL B 35 -35.24 5.41 -28.79
N SER B 36 -36.39 4.74 -28.64
CA SER B 36 -36.46 3.34 -29.02
C SER B 36 -37.88 3.00 -29.47
N TRP B 37 -38.00 1.93 -30.24
CA TRP B 37 -39.27 1.48 -30.79
C TRP B 37 -39.43 -0.02 -30.58
N TYR B 38 -40.61 -0.44 -30.12
CA TYR B 38 -40.89 -1.85 -29.88
C TYR B 38 -42.17 -2.25 -30.61
N GLN B 39 -42.25 -3.53 -30.95
CA GLN B 39 -43.43 -4.09 -31.62
C GLN B 39 -43.95 -5.26 -30.81
N GLN B 40 -45.26 -5.35 -30.65
CA GLN B 40 -45.89 -6.45 -29.94
C GLN B 40 -47.01 -7.03 -30.78
N HIS B 41 -47.03 -8.39 -30.87
CA HIS B 41 -48.15 -9.19 -31.35
C HIS B 41 -49.00 -9.65 -30.18
N PRO B 42 -50.31 -9.81 -30.36
CA PRO B 42 -51.18 -10.12 -29.22
C PRO B 42 -50.77 -11.42 -28.53
N GLY B 43 -50.78 -11.40 -27.20
CA GLY B 43 -50.45 -12.56 -26.40
C GLY B 43 -49.01 -13.01 -26.50
N LYS B 44 -48.07 -12.08 -26.62
CA LYS B 44 -46.64 -12.40 -26.67
C LYS B 44 -45.86 -11.31 -25.98
N ALA B 45 -44.54 -11.50 -25.93
CA ALA B 45 -43.62 -10.50 -25.40
C ALA B 45 -43.14 -9.57 -26.50
N PRO B 46 -42.91 -8.30 -26.18
CA PRO B 46 -42.48 -7.34 -27.20
C PRO B 46 -41.09 -7.64 -27.73
N LYS B 47 -40.74 -6.96 -28.81
CA LYS B 47 -39.49 -7.16 -29.51
C LYS B 47 -38.82 -5.82 -29.76
N LEU B 48 -37.49 -5.82 -29.79
CA LEU B 48 -36.74 -4.60 -30.07
C LEU B 48 -36.54 -4.44 -31.58
N MET B 49 -36.80 -3.22 -32.08
CA MET B 49 -36.71 -2.93 -33.50
C MET B 49 -35.66 -1.87 -33.81
N ILE B 50 -35.68 -0.74 -33.12
CA ILE B 50 -34.72 0.34 -33.34
C ILE B 50 -34.35 0.98 -32.01
N TYR B 51 -33.05 1.11 -31.75
CA TYR B 51 -32.55 1.85 -30.60
C TYR B 51 -31.48 2.82 -31.06
N GLU B 52 -31.22 3.86 -30.26
CA GLU B 52 -30.17 4.83 -30.58
C GLU B 52 -30.43 5.42 -31.96
N VAL B 53 -31.29 6.44 -31.98
CA VAL B 53 -32.42 6.62 -32.90
C VAL B 53 -32.32 5.86 -34.22
N THR B 54 -31.14 5.76 -34.82
CA THR B 54 -31.08 5.04 -36.09
C THR B 54 -30.36 3.70 -36.05
N LYS B 55 -29.64 3.34 -35.00
CA LYS B 55 -29.00 2.02 -34.93
C LYS B 55 -30.05 0.93 -35.00
N ARG B 56 -29.72 -0.15 -35.69
CA ARG B 56 -30.65 -1.25 -35.85
C ARG B 56 -30.01 -2.56 -35.40
N PRO B 57 -30.71 -3.40 -34.63
CA PRO B 57 -30.13 -4.64 -34.15
C PRO B 57 -30.31 -5.79 -35.14
N SER B 58 -29.57 -6.87 -34.88
CA SER B 58 -29.55 -8.01 -35.78
C SER B 58 -30.85 -8.80 -35.69
N GLY B 59 -31.25 -9.39 -36.82
CA GLY B 59 -32.44 -10.20 -36.89
C GLY B 59 -33.66 -9.54 -37.47
N VAL B 60 -33.60 -8.24 -37.73
CA VAL B 60 -34.73 -7.48 -38.27
C VAL B 60 -34.36 -6.97 -39.66
N PRO B 61 -35.23 -7.11 -40.65
CA PRO B 61 -34.86 -6.68 -42.02
C PRO B 61 -34.71 -5.17 -42.11
N ASP B 62 -33.97 -4.73 -43.12
CA ASP B 62 -33.65 -3.32 -43.31
C ASP B 62 -34.87 -2.47 -43.65
N ARG B 63 -36.04 -3.08 -43.85
CA ARG B 63 -37.23 -2.32 -44.20
C ARG B 63 -37.61 -1.35 -43.08
N PHE B 64 -37.51 -1.78 -41.83
CA PHE B 64 -37.78 -0.90 -40.71
C PHE B 64 -36.66 0.11 -40.57
N SER B 65 -37.01 1.38 -40.43
CA SER B 65 -35.98 2.41 -40.33
C SER B 65 -36.50 3.59 -39.52
N GLY B 66 -35.75 3.98 -38.49
CA GLY B 66 -36.11 5.11 -37.67
C GLY B 66 -35.44 6.40 -38.11
N SER B 67 -35.96 7.51 -37.58
CA SER B 67 -35.36 8.81 -37.83
C SER B 67 -35.83 9.77 -36.74
N LYS B 68 -35.14 10.90 -36.64
CA LYS B 68 -35.53 11.94 -35.70
C LYS B 68 -35.26 13.31 -36.31
N SER B 69 -36.02 14.30 -35.87
CA SER B 69 -35.79 15.68 -36.29
C SER B 69 -36.44 16.62 -35.29
N GLY B 70 -35.71 17.66 -34.90
CA GLY B 70 -36.23 18.65 -33.98
C GLY B 70 -36.66 18.05 -32.66
N ASN B 71 -37.97 17.99 -32.45
CA ASN B 71 -38.54 17.43 -31.23
C ASN B 71 -39.21 16.08 -31.44
N THR B 72 -39.39 15.64 -32.69
CA THR B 72 -40.19 14.47 -33.00
C THR B 72 -39.33 13.38 -33.61
N ALA B 73 -39.51 12.16 -33.13
CA ALA B 73 -38.95 10.97 -33.78
C ALA B 73 -39.99 10.40 -34.74
N SER B 74 -39.60 9.35 -35.47
CA SER B 74 -40.50 8.78 -36.46
C SER B 74 -39.97 7.42 -36.88
N LEU B 75 -40.90 6.54 -37.28
CA LEU B 75 -40.60 5.24 -37.83
C LEU B 75 -41.04 5.21 -39.30
N THR B 76 -40.39 4.36 -40.08
CA THR B 76 -40.65 4.27 -41.51
C THR B 76 -40.57 2.80 -41.93
N VAL B 77 -41.64 2.30 -42.51
CA VAL B 77 -41.75 0.91 -42.94
C VAL B 77 -41.94 0.91 -44.46
N SER B 78 -41.44 -0.14 -45.10
CA SER B 78 -41.63 -0.31 -46.54
C SER B 78 -41.83 -1.79 -46.85
N GLY B 79 -42.46 -2.05 -47.98
CA GLY B 79 -42.75 -3.41 -48.38
C GLY B 79 -43.69 -4.11 -47.42
N LEU B 80 -44.78 -3.44 -47.07
CA LEU B 80 -45.73 -3.99 -46.10
C LEU B 80 -46.29 -5.34 -46.57
N GLN B 81 -46.41 -6.26 -45.62
CA GLN B 81 -46.95 -7.58 -45.84
C GLN B 81 -48.21 -7.76 -44.98
N ALA B 82 -48.73 -8.98 -44.97
CA ALA B 82 -49.78 -9.30 -44.02
C ALA B 82 -49.25 -9.59 -42.63
N GLU B 83 -47.94 -9.75 -42.48
CA GLU B 83 -47.36 -10.05 -41.18
C GLU B 83 -47.33 -8.82 -40.27
N ASP B 84 -47.18 -7.62 -40.85
CA ASP B 84 -47.08 -6.40 -40.06
C ASP B 84 -48.45 -6.00 -39.50
N GLU B 85 -49.00 -6.89 -38.69
CA GLU B 85 -50.27 -6.69 -38.01
C GLU B 85 -49.97 -6.70 -36.52
N ALA B 86 -49.57 -5.55 -35.98
CA ALA B 86 -49.08 -5.50 -34.61
C ALA B 86 -49.24 -4.09 -34.07
N ASP B 87 -48.87 -3.94 -32.79
CA ASP B 87 -49.01 -2.68 -32.07
C ASP B 87 -47.61 -2.17 -31.70
N TYR B 88 -47.33 -0.92 -32.05
CA TYR B 88 -46.00 -0.34 -31.95
C TYR B 88 -45.95 0.69 -30.83
N TYR B 89 -44.91 0.62 -30.00
CA TYR B 89 -44.76 1.47 -28.84
C TYR B 89 -43.46 2.25 -28.92
N CYS B 90 -43.56 3.57 -28.75
CA CYS B 90 -42.45 4.49 -28.66
C CYS B 90 -41.87 4.46 -27.25
N SER B 91 -40.60 4.87 -27.11
CA SER B 91 -40.03 4.93 -25.78
C SER B 91 -38.92 5.96 -25.73
N SER B 92 -38.82 6.66 -24.60
CA SER B 92 -37.87 7.76 -24.49
C SER B 92 -37.50 8.00 -23.03
N TYR B 93 -36.57 8.94 -22.86
CA TYR B 93 -36.11 9.39 -21.55
C TYR B 93 -37.06 10.47 -21.01
N ALA B 94 -37.20 10.54 -19.69
CA ALA B 94 -38.13 11.47 -19.05
C ALA B 94 -37.49 12.17 -17.87
N GLY B 95 -36.24 12.59 -18.02
CA GLY B 95 -35.63 13.54 -17.10
C GLY B 95 -35.03 13.01 -15.82
N ILE B 96 -35.87 12.73 -14.82
CA ILE B 96 -35.35 12.43 -13.47
C ILE B 96 -35.17 10.92 -13.40
N ASN B 97 -34.04 10.45 -13.96
CA ASN B 97 -33.66 9.04 -13.93
C ASN B 97 -34.84 8.10 -14.19
N ASN B 98 -35.70 8.46 -15.15
CA ASN B 98 -36.92 7.70 -15.41
C ASN B 98 -37.20 7.70 -16.90
N TRP B 99 -37.62 6.55 -17.41
CA TRP B 99 -37.96 6.38 -18.82
C TRP B 99 -39.48 6.24 -18.95
N VAL B 100 -40.02 6.62 -20.11
CA VAL B 100 -41.45 6.55 -20.34
C VAL B 100 -41.75 5.95 -21.71
N PHE B 101 -42.93 5.36 -21.81
CA PHE B 101 -43.44 4.73 -23.02
C PHE B 101 -44.48 5.63 -23.66
N GLY B 102 -45.16 5.10 -24.69
CA GLY B 102 -46.20 5.84 -25.38
C GLY B 102 -47.50 5.06 -25.43
N GLY B 103 -48.52 5.72 -25.98
CA GLY B 103 -49.84 5.11 -26.02
C GLY B 103 -49.88 3.87 -26.90
N GLY B 104 -49.30 3.95 -28.09
CA GLY B 104 -49.28 2.81 -28.99
C GLY B 104 -50.04 3.04 -30.27
N THR B 105 -49.56 2.46 -31.36
CA THR B 105 -50.21 2.58 -32.66
C THR B 105 -50.47 1.20 -33.22
N LYS B 106 -51.71 0.93 -33.63
CA LYS B 106 -52.03 -0.32 -34.30
C LYS B 106 -51.83 -0.16 -35.80
N LEU B 107 -50.99 -1.01 -36.38
CA LEU B 107 -50.70 -0.91 -37.81
C LEU B 107 -51.51 -1.97 -38.54
N THR B 108 -52.41 -1.52 -39.41
CA THR B 108 -53.39 -2.38 -40.05
C THR B 108 -53.19 -2.39 -41.55
N VAL B 109 -53.18 -3.59 -42.15
CA VAL B 109 -53.14 -3.76 -43.59
C VAL B 109 -54.36 -4.58 -44.01
N LEU B 110 -54.99 -4.17 -45.10
CA LEU B 110 -56.23 -4.77 -45.57
C LEU B 110 -55.97 -5.61 -46.81
N GLY B 111 -56.66 -6.75 -46.89
CA GLY B 111 -56.54 -7.64 -48.03
C GLY B 111 -57.88 -8.06 -48.60
N GLU C 1 -27.35 -17.49 -26.76
CA GLU C 1 -28.72 -17.18 -26.38
C GLU C 1 -28.82 -16.94 -24.87
N VAL C 2 -29.67 -15.99 -24.49
CA VAL C 2 -29.89 -15.65 -23.09
C VAL C 2 -31.32 -16.00 -22.72
N GLN C 3 -31.49 -16.58 -21.53
CA GLN C 3 -32.80 -16.98 -21.05
C GLN C 3 -33.12 -16.29 -19.74
N LEU C 4 -34.36 -15.82 -19.64
CA LEU C 4 -34.95 -15.28 -18.43
C LEU C 4 -36.21 -16.06 -18.11
N VAL C 5 -36.42 -16.40 -16.84
CA VAL C 5 -37.57 -17.21 -16.44
C VAL C 5 -38.18 -16.61 -15.18
N GLN C 6 -39.49 -16.39 -15.21
CA GLN C 6 -40.22 -15.84 -14.07
C GLN C 6 -41.07 -16.92 -13.42
N SER C 7 -41.54 -16.61 -12.21
CA SER C 7 -42.31 -17.57 -11.42
C SER C 7 -43.75 -17.63 -11.93
N GLY C 8 -44.61 -18.33 -11.18
CA GLY C 8 -45.98 -18.56 -11.61
C GLY C 8 -46.96 -17.51 -11.10
N ALA C 9 -48.22 -17.71 -11.46
CA ALA C 9 -49.28 -16.76 -11.15
C ALA C 9 -49.57 -16.74 -9.65
N GLU C 10 -50.15 -15.64 -9.20
CA GLU C 10 -50.51 -15.44 -7.80
C GLU C 10 -51.88 -14.78 -7.72
N VAL C 11 -52.60 -15.06 -6.64
CA VAL C 11 -53.88 -14.42 -6.36
C VAL C 11 -53.85 -13.92 -4.92
N LYS C 12 -54.12 -12.63 -4.74
CA LYS C 12 -54.05 -12.01 -3.42
C LYS C 12 -55.29 -11.14 -3.19
N LYS C 13 -55.32 -10.47 -2.05
CA LYS C 13 -56.39 -9.60 -1.63
C LYS C 13 -55.81 -8.27 -1.19
N PRO C 14 -56.62 -7.19 -1.15
CA PRO C 14 -56.05 -5.83 -1.00
C PRO C 14 -55.25 -5.59 0.27
N GLY C 15 -55.11 -6.59 1.12
CA GLY C 15 -54.26 -6.44 2.29
C GLY C 15 -52.97 -7.23 2.20
N ALA C 16 -52.89 -8.14 1.24
CA ALA C 16 -51.75 -9.04 1.12
C ALA C 16 -50.60 -8.35 0.41
N SER C 17 -49.59 -9.12 0.02
CA SER C 17 -48.43 -8.61 -0.71
C SER C 17 -48.13 -9.59 -1.83
N VAL C 18 -47.01 -9.37 -2.52
CA VAL C 18 -46.60 -10.24 -3.62
C VAL C 18 -45.10 -10.08 -3.83
N LYS C 19 -44.45 -11.19 -4.21
CA LYS C 19 -43.06 -11.23 -4.58
C LYS C 19 -42.91 -11.95 -5.90
N VAL C 20 -42.08 -11.40 -6.79
CA VAL C 20 -41.84 -11.96 -8.11
C VAL C 20 -40.35 -12.19 -8.30
N SER C 21 -39.99 -13.35 -8.85
CA SER C 21 -38.61 -13.74 -9.07
C SER C 21 -38.29 -13.78 -10.56
N CYS C 22 -36.99 -13.78 -10.88
CA CYS C 22 -36.55 -13.64 -12.26
C CYS C 22 -35.15 -14.27 -12.36
N LYS C 23 -35.08 -15.48 -12.90
CA LYS C 23 -33.82 -16.23 -12.99
C LYS C 23 -33.21 -16.06 -14.36
N ALA C 24 -31.92 -15.72 -14.40
CA ALA C 24 -31.20 -15.40 -15.61
C ALA C 24 -30.10 -16.42 -15.87
N SER C 25 -30.03 -16.93 -17.10
CA SER C 25 -28.98 -17.87 -17.46
C SER C 25 -28.53 -17.60 -18.88
N GLY C 26 -27.26 -17.90 -19.16
CA GLY C 26 -26.72 -17.79 -20.50
C GLY C 26 -25.78 -16.62 -20.74
N TYR C 27 -25.48 -15.82 -19.71
CA TYR C 27 -24.59 -14.68 -19.87
C TYR C 27 -24.08 -14.28 -18.48
N THR C 28 -23.37 -13.15 -18.42
CA THR C 28 -22.79 -12.67 -17.17
C THR C 28 -23.79 -11.78 -16.45
N PHE C 29 -24.22 -12.22 -15.26
CA PHE C 29 -25.36 -11.58 -14.60
C PHE C 29 -25.08 -10.14 -14.23
N THR C 30 -23.89 -9.86 -13.68
CA THR C 30 -23.61 -8.58 -13.03
C THR C 30 -23.02 -7.55 -13.98
N ASP C 31 -23.36 -7.59 -15.27
CA ASP C 31 -22.85 -6.63 -16.24
C ASP C 31 -23.98 -5.99 -17.02
N HIS C 32 -25.17 -5.86 -16.42
CA HIS C 32 -26.33 -5.35 -17.14
C HIS C 32 -27.37 -4.90 -16.13
N TYR C 33 -27.84 -3.66 -16.26
CA TYR C 33 -28.97 -3.20 -15.46
C TYR C 33 -30.23 -3.94 -15.86
N ILE C 34 -31.16 -4.10 -14.93
CA ILE C 34 -32.40 -4.82 -15.16
C ILE C 34 -33.57 -3.88 -14.87
N HIS C 35 -34.49 -3.76 -15.83
CA HIS C 35 -35.64 -2.89 -15.72
C HIS C 35 -36.90 -3.72 -15.49
N TRP C 36 -37.93 -3.06 -14.96
CA TRP C 36 -39.21 -3.70 -14.67
C TRP C 36 -40.33 -2.94 -15.36
N VAL C 37 -41.20 -3.67 -16.06
CA VAL C 37 -42.30 -3.09 -16.81
C VAL C 37 -43.58 -3.83 -16.43
N ARG C 38 -44.71 -3.14 -16.59
CA ARG C 38 -46.03 -3.69 -16.26
C ARG C 38 -46.98 -3.45 -17.42
N GLN C 39 -47.98 -4.29 -17.56
CA GLN C 39 -49.00 -4.09 -18.58
C GLN C 39 -50.36 -4.52 -18.06
N ALA C 40 -51.28 -3.58 -17.97
CA ALA C 40 -52.65 -3.91 -17.61
C ALA C 40 -53.31 -4.71 -18.72
N PRO C 41 -54.32 -5.52 -18.41
CA PRO C 41 -54.89 -6.41 -19.43
C PRO C 41 -55.67 -5.66 -20.49
N GLY C 42 -54.96 -5.07 -21.45
CA GLY C 42 -55.58 -4.34 -22.53
C GLY C 42 -55.23 -2.86 -22.56
N GLN C 43 -54.02 -2.52 -22.10
CA GLN C 43 -53.57 -1.13 -22.07
C GLN C 43 -52.10 -1.11 -22.50
N GLY C 44 -51.48 0.07 -22.38
CA GLY C 44 -50.10 0.23 -22.76
C GLY C 44 -49.13 -0.04 -21.64
N LEU C 45 -47.89 -0.31 -22.01
CA LEU C 45 -46.87 -0.65 -21.04
C LEU C 45 -46.55 0.54 -20.14
N GLU C 46 -46.18 0.25 -18.90
CA GLU C 46 -45.81 1.27 -17.92
C GLU C 46 -44.50 0.88 -17.27
N TRP C 47 -43.56 1.82 -17.21
CA TRP C 47 -42.25 1.56 -16.64
C TRP C 47 -42.33 1.67 -15.11
N MET C 48 -41.48 0.92 -14.41
CA MET C 48 -41.49 0.95 -12.95
C MET C 48 -40.22 1.53 -12.34
N GLY C 49 -39.06 0.97 -12.67
CA GLY C 49 -37.81 1.39 -12.06
C GLY C 49 -36.77 0.32 -12.24
N TRP C 50 -35.53 0.71 -11.98
CA TRP C 50 -34.42 -0.18 -12.33
C TRP C 50 -33.63 -0.62 -11.11
N ILE C 51 -32.55 -1.36 -11.37
CA ILE C 51 -31.71 -1.92 -10.32
C ILE C 51 -30.35 -2.23 -10.93
N ASN C 52 -29.30 -2.06 -10.15
CA ASN C 52 -27.95 -2.39 -10.60
C ASN C 52 -27.50 -3.66 -9.90
N PRO C 53 -27.38 -4.79 -10.60
CA PRO C 53 -27.04 -6.05 -9.91
C PRO C 53 -25.65 -6.06 -9.31
N ASN C 54 -24.76 -5.15 -9.72
CA ASN C 54 -23.43 -5.11 -9.13
C ASN C 54 -23.46 -4.47 -7.74
N SER C 55 -23.86 -3.20 -7.67
CA SER C 55 -23.87 -2.49 -6.40
C SER C 55 -25.14 -2.78 -5.61
N GLY C 56 -26.30 -2.61 -6.23
CA GLY C 56 -27.57 -2.72 -5.55
C GLY C 56 -28.36 -1.42 -5.52
N GLY C 57 -27.81 -0.31 -6.03
CA GLY C 57 -28.58 0.91 -6.07
C GLY C 57 -29.78 0.79 -6.99
N THR C 58 -30.85 1.49 -6.63
CA THR C 58 -32.11 1.40 -7.35
C THR C 58 -32.70 2.79 -7.53
N ASN C 59 -33.73 2.88 -8.36
CA ASN C 59 -34.50 4.11 -8.52
C ASN C 59 -35.85 3.77 -9.12
N TYR C 60 -36.86 4.54 -8.73
CA TYR C 60 -38.26 4.22 -8.97
C TYR C 60 -38.97 5.39 -9.63
N THR C 61 -40.22 5.15 -10.00
CA THR C 61 -41.12 6.23 -10.38
C THR C 61 -41.76 6.82 -9.13
N GLN C 62 -41.86 8.16 -9.09
CA GLN C 62 -42.37 8.82 -7.90
C GLN C 62 -43.78 8.40 -7.54
N LYS C 63 -44.55 7.89 -8.52
CA LYS C 63 -45.89 7.39 -8.23
C LYS C 63 -45.85 6.17 -7.32
N PHE C 64 -44.90 5.25 -7.57
CA PHE C 64 -44.84 3.99 -6.85
C PHE C 64 -44.12 4.10 -5.51
N LYS C 65 -43.54 5.25 -5.19
CA LYS C 65 -42.70 5.37 -4.01
C LYS C 65 -43.47 5.00 -2.74
N GLY C 66 -42.85 4.14 -1.92
CA GLY C 66 -43.43 3.72 -0.66
C GLY C 66 -44.06 2.35 -0.66
N ARG C 67 -44.27 1.73 -1.83
CA ARG C 67 -44.95 0.46 -1.90
C ARG C 67 -44.16 -0.65 -2.59
N VAL C 68 -43.10 -0.32 -3.31
CA VAL C 68 -42.35 -1.31 -4.09
C VAL C 68 -40.91 -1.33 -3.63
N THR C 69 -40.31 -2.51 -3.66
CA THR C 69 -38.91 -2.66 -3.27
C THR C 69 -38.25 -3.75 -4.11
N LEU C 70 -37.04 -3.48 -4.59
CA LEU C 70 -36.32 -4.40 -5.46
C LEU C 70 -35.06 -4.93 -4.78
N THR C 71 -34.78 -6.22 -4.97
CA THR C 71 -33.64 -6.87 -4.34
C THR C 71 -33.02 -7.85 -5.33
N ARG C 72 -31.79 -8.28 -5.02
CA ARG C 72 -31.09 -9.25 -5.84
C ARG C 72 -30.38 -10.26 -4.94
N ASP C 73 -30.07 -11.42 -5.51
CA ASP C 73 -29.25 -12.42 -4.84
C ASP C 73 -28.33 -13.02 -5.89
N ARG C 74 -27.03 -12.76 -5.77
CA ARG C 74 -26.08 -13.08 -6.83
C ARG C 74 -25.62 -14.53 -6.81
N SER C 75 -25.71 -15.22 -5.67
CA SER C 75 -25.22 -16.58 -5.59
C SER C 75 -25.97 -17.50 -6.54
N ILE C 76 -27.30 -17.36 -6.60
CA ILE C 76 -28.11 -18.08 -7.57
C ILE C 76 -28.52 -17.21 -8.75
N SER C 77 -28.09 -15.95 -8.76
CA SER C 77 -28.34 -15.02 -9.86
C SER C 77 -29.83 -14.84 -10.13
N THR C 78 -30.51 -14.26 -9.15
CA THR C 78 -31.94 -14.03 -9.26
C THR C 78 -32.26 -12.62 -8.75
N ALA C 79 -33.33 -12.03 -9.29
CA ALA C 79 -33.79 -10.70 -8.89
C ALA C 79 -35.25 -10.79 -8.44
N TYR C 80 -35.56 -10.09 -7.35
CA TYR C 80 -36.88 -10.14 -6.72
C TYR C 80 -37.50 -8.76 -6.66
N MET C 81 -38.82 -8.72 -6.82
CA MET C 81 -39.61 -7.50 -6.69
C MET C 81 -40.72 -7.74 -5.67
N ASP C 82 -40.86 -6.80 -4.73
CA ASP C 82 -41.84 -6.90 -3.63
C ASP C 82 -42.81 -5.74 -3.71
N LEU C 83 -44.10 -6.06 -3.67
CA LEU C 83 -45.17 -5.06 -3.63
C LEU C 83 -46.08 -5.40 -2.47
N SER C 84 -46.49 -4.38 -1.69
CA SER C 84 -47.17 -4.69 -0.44
C SER C 84 -48.37 -3.80 -0.13
N ARG C 85 -48.97 -3.16 -1.13
CA ARG C 85 -50.16 -2.34 -0.93
C ARG C 85 -51.17 -2.62 -2.02
N LEU C 86 -51.45 -3.91 -2.25
CA LEU C 86 -52.28 -4.32 -3.38
C LEU C 86 -53.66 -3.68 -3.30
N ARG C 87 -54.18 -3.29 -4.46
CA ARG C 87 -55.49 -2.68 -4.56
C ARG C 87 -56.21 -3.30 -5.76
N SER C 88 -57.33 -2.67 -6.16
CA SER C 88 -58.10 -3.19 -7.28
C SER C 88 -57.41 -2.93 -8.62
N ASP C 89 -56.64 -1.85 -8.72
CA ASP C 89 -56.00 -1.45 -9.97
C ASP C 89 -54.55 -1.93 -10.06
N ASP C 90 -54.23 -3.06 -9.44
CA ASP C 90 -52.89 -3.62 -9.51
C ASP C 90 -52.86 -5.01 -10.12
N THR C 91 -53.98 -5.50 -10.65
CA THR C 91 -53.96 -6.72 -11.45
C THR C 91 -53.27 -6.45 -12.78
N ALA C 92 -52.31 -7.29 -13.15
CA ALA C 92 -51.48 -6.97 -14.31
C ALA C 92 -50.61 -8.17 -14.67
N VAL C 93 -49.71 -7.94 -15.65
CA VAL C 93 -48.70 -8.89 -16.06
C VAL C 93 -47.35 -8.20 -15.93
N TYR C 94 -46.38 -8.86 -15.30
CA TYR C 94 -45.12 -8.23 -14.93
C TYR C 94 -43.96 -8.88 -15.68
N TYR C 95 -43.02 -8.05 -16.16
CA TYR C 95 -41.95 -8.46 -17.05
C TYR C 95 -40.59 -8.06 -16.49
N CYS C 96 -39.56 -8.80 -16.90
CA CYS C 96 -38.17 -8.42 -16.71
C CYS C 96 -37.66 -7.81 -18.02
N ALA C 97 -36.37 -7.48 -18.06
CA ALA C 97 -35.73 -6.95 -19.26
C ALA C 97 -34.22 -6.96 -19.04
N LYS C 98 -33.48 -6.33 -19.94
CA LYS C 98 -32.02 -6.31 -19.87
C LYS C 98 -31.44 -5.25 -20.81
N ASP C 99 -30.52 -4.43 -20.31
CA ASP C 99 -29.92 -3.39 -21.14
C ASP C 99 -28.83 -3.95 -22.05
N VAL C 100 -28.55 -3.20 -23.12
CA VAL C 100 -27.47 -3.56 -24.05
C VAL C 100 -26.10 -3.14 -23.51
N PRO C 101 -25.86 -1.88 -23.15
CA PRO C 101 -24.50 -1.48 -22.73
C PRO C 101 -24.14 -2.12 -21.40
N PRO C 102 -22.91 -2.60 -21.25
CA PRO C 102 -22.56 -3.40 -20.06
C PRO C 102 -22.58 -2.64 -18.74
N TYR C 103 -21.81 -1.57 -18.59
CA TYR C 103 -21.67 -0.92 -17.30
C TYR C 103 -22.38 0.43 -17.23
N ILE C 104 -23.36 0.64 -18.09
CA ILE C 104 -24.04 1.92 -18.23
C ILE C 104 -25.53 1.65 -18.22
N VAL C 105 -26.32 2.66 -17.84
CA VAL C 105 -27.78 2.57 -17.86
C VAL C 105 -28.31 3.26 -19.10
N SER C 106 -29.22 2.60 -19.80
CA SER C 106 -29.91 3.14 -20.96
C SER C 106 -31.02 2.16 -21.33
N GLY C 107 -32.20 2.70 -21.62
CA GLY C 107 -33.37 1.85 -21.80
C GLY C 107 -33.49 1.22 -23.17
N TRP C 108 -32.46 0.48 -23.59
CA TRP C 108 -32.52 -0.31 -24.82
C TRP C 108 -32.76 -1.75 -24.41
N LEU C 109 -34.02 -2.04 -24.08
CA LEU C 109 -34.40 -3.30 -23.44
C LEU C 109 -34.56 -4.36 -24.53
N ASP C 110 -33.58 -5.24 -24.67
CA ASP C 110 -33.55 -6.14 -25.83
C ASP C 110 -34.19 -7.50 -25.58
N CYS C 111 -33.84 -8.18 -24.49
CA CYS C 111 -34.38 -9.51 -24.20
C CYS C 111 -35.31 -9.43 -23.00
N TRP C 112 -36.47 -10.06 -23.12
CA TRP C 112 -37.53 -9.93 -22.14
C TRP C 112 -37.79 -11.26 -21.45
N GLY C 113 -38.55 -11.20 -20.36
CA GLY C 113 -38.89 -12.38 -19.61
C GLY C 113 -40.06 -13.12 -20.23
N GLN C 114 -41.01 -13.55 -19.39
CA GLN C 114 -42.20 -14.24 -19.89
C GLN C 114 -43.50 -13.73 -19.27
N GLY C 115 -43.44 -12.98 -18.18
CA GLY C 115 -44.63 -12.37 -17.63
C GLY C 115 -45.31 -13.17 -16.53
N THR C 116 -45.48 -12.54 -15.37
CA THR C 116 -46.20 -13.12 -14.25
C THR C 116 -47.55 -12.43 -14.14
N LEU C 117 -48.62 -13.21 -14.09
CA LEU C 117 -49.98 -12.68 -14.06
C LEU C 117 -50.46 -12.60 -12.62
N VAL C 118 -50.59 -11.38 -12.10
CA VAL C 118 -51.05 -11.16 -10.73
C VAL C 118 -52.48 -10.65 -10.84
N THR C 119 -53.44 -11.52 -10.54
CA THR C 119 -54.87 -11.19 -10.61
C THR C 119 -55.42 -10.95 -9.21
N VAL C 120 -55.10 -9.78 -8.65
CA VAL C 120 -55.60 -9.39 -7.34
C VAL C 120 -57.12 -9.24 -7.36
C1 NAG D . 49.43 -10.11 31.39
C2 NAG D . 49.37 -9.68 32.85
C3 NAG D . 49.90 -10.79 33.76
C4 NAG D . 49.18 -12.09 33.48
C5 NAG D . 49.24 -12.43 32.00
C6 NAG D . 48.42 -13.65 31.64
C7 NAG D . 49.56 -7.33 33.54
C8 NAG D . 50.47 -6.15 33.69
N2 NAG D . 50.11 -8.45 33.06
O3 NAG D . 49.71 -10.41 35.12
O4 NAG D . 49.82 -13.15 34.21
O5 NAG D . 48.71 -11.34 31.23
O6 NAG D . 47.03 -13.35 31.59
O7 NAG D . 48.36 -7.27 33.85
C1 NAG D . 48.92 -13.63 35.24
C2 NAG D . 49.61 -14.77 35.99
C3 NAG D . 48.71 -15.28 37.11
C4 NAG D . 48.29 -14.14 38.02
C5 NAG D . 47.66 -13.01 37.20
C6 NAG D . 47.35 -11.78 38.03
C7 NAG D . 51.23 -16.11 34.74
C8 NAG D . 51.43 -17.26 33.79
N2 NAG D . 49.97 -15.85 35.09
O3 NAG D . 49.40 -16.27 37.86
O4 NAG D . 47.35 -14.59 38.97
O5 NAG D . 48.57 -12.58 36.17
O6 NAG D . 48.46 -10.88 38.07
O7 NAG D . 52.18 -15.44 35.16
C1 NAG E . 11.59 -2.53 30.42
C2 NAG E . 10.39 -3.39 30.76
C3 NAG E . 9.80 -4.05 29.50
C4 NAG E . 10.76 -4.09 28.31
C5 NAG E . 11.57 -2.80 28.11
C6 NAG E . 11.17 -2.05 26.86
C7 NAG E . 11.66 -5.30 31.69
C8 NAG E . 11.80 -6.22 32.87
N2 NAG E . 10.69 -4.39 31.78
O3 NAG E . 8.61 -3.36 29.14
O4 NAG E . 11.65 -5.19 28.42
O5 NAG E . 11.39 -1.91 29.22
O6 NAG E . 10.10 -2.69 26.19
O7 NAG E . 12.40 -5.38 30.72
C1 NAG E . 11.02 -6.46 28.06
C2 NAG E . 10.19 -6.33 26.77
C3 NAG E . 10.54 -7.46 25.79
C4 NAG E . 10.61 -8.80 26.49
C5 NAG E . 11.52 -8.76 27.71
C6 NAG E . 12.71 -9.67 27.59
C7 NAG E . 7.82 -5.98 26.20
C8 NAG E . 6.41 -6.07 26.69
N2 NAG E . 8.76 -6.35 27.07
O3 NAG E . 11.80 -7.17 25.17
O4 NAG E . 9.31 -9.20 26.90
O5 NAG E . 12.05 -7.42 27.87
O6 NAG E . 13.59 -9.25 26.57
O7 NAG E . 8.10 -5.60 25.07
C1 NAG F . 5.81 -21.07 1.20
C2 NAG F . 7.34 -20.95 1.18
C3 NAG F . 7.94 -22.14 0.42
C4 NAG F . 7.44 -23.45 1.01
C5 NAG F . 5.92 -23.46 1.01
C6 NAG F . 5.34 -24.69 1.66
C7 NAG F . 8.93 -19.12 0.84
C8 NAG F . 9.20 -17.83 0.14
N2 NAG F . 7.75 -19.70 0.58
O3 NAG F . 9.36 -22.08 0.50
O4 NAG F . 7.94 -24.55 0.25
O5 NAG F . 5.43 -22.34 1.75
O6 NAG F . 6.09 -25.07 2.81
O7 NAG F . 9.73 -19.61 1.62
C1 NAG F . 8.82 -25.32 1.10
C2 NAG F . 8.69 -26.80 0.71
C3 NAG F . 9.63 -27.65 1.55
C4 NAG F . 11.06 -27.12 1.46
C5 NAG F . 11.09 -25.64 1.81
C6 NAG F . 12.47 -25.02 1.63
C7 NAG F . 6.64 -27.84 -0.15
C8 NAG F . 5.24 -28.26 0.18
N2 NAG F . 7.32 -27.26 0.85
O3 NAG F . 9.58 -29.00 1.11
O4 NAG F . 11.90 -27.84 2.34
O5 NAG F . 10.20 -24.91 0.96
O6 NAG F . 13.45 -25.73 2.36
O7 NAG F . 7.14 -28.02 -1.25
C1 FUC F . 5.21 -25.76 3.72
C2 FUC F . 5.94 -27.05 4.18
C3 FUC F . 5.65 -27.34 5.67
C4 FUC F . 4.21 -27.00 6.02
C5 FUC F . 3.95 -25.50 5.80
C6 FUC F . 2.54 -25.18 5.32
O2 FUC F . 7.34 -26.99 3.94
O3 FUC F . 5.85 -28.73 5.93
O4 FUC F . 3.30 -27.77 5.25
O5 FUC F . 4.86 -24.93 4.81
C1 NAG G . 28.87 -20.89 14.22
C2 NAG G . 29.14 -20.72 15.71
C3 NAG G . 29.91 -21.92 16.25
C4 NAG G . 29.19 -23.22 15.89
C5 NAG G . 28.88 -23.27 14.40
C6 NAG G . 28.04 -24.46 14.01
C7 NAG G . 29.86 -18.85 17.14
C8 NAG G . 30.69 -17.60 17.22
N2 NAG G . 29.89 -19.49 15.96
O3 NAG G . 30.04 -21.81 17.65
O4 NAG G . 30.02 -24.32 16.22
O5 NAG G . 28.16 -22.10 14.00
O6 NAG G . 26.92 -24.07 13.22
O7 NAG G . 29.23 -19.27 18.08
C1 NAG G . 29.40 -25.20 17.18
C2 NAG G . 30.16 -26.52 17.14
C3 NAG G . 29.60 -27.50 18.18
C4 NAG G . 29.56 -26.84 19.55
C5 NAG G . 28.80 -25.51 19.48
C6 NAG G . 28.81 -24.76 20.78
C7 NAG G . 30.99 -28.00 15.36
C8 NAG G . 30.78 -28.51 13.97
N2 NAG G . 30.10 -27.11 15.81
O3 NAG G . 30.41 -28.66 18.22
O4 NAG G . 28.91 -27.70 20.48
O5 NAG G . 29.42 -24.66 18.50
O6 NAG G . 29.51 -25.48 21.79
O7 NAG G . 31.94 -28.37 16.05
C1 FUC G . 25.69 -24.32 13.94
C2 FUC G . 24.98 -25.51 13.27
C3 FUC G . 23.59 -25.75 13.90
C4 FUC G . 23.50 -25.27 15.37
C5 FUC G . 24.89 -25.35 16.03
C6 FUC G . 24.88 -24.82 17.46
O2 FUC G . 25.76 -26.70 13.28
O3 FUC G . 22.60 -25.04 13.16
O4 FUC G . 23.01 -23.94 15.43
O5 FUC G . 25.91 -24.60 15.33
C1 NAG H . -33.59 8.70 -8.12
C2 NAG H . -33.50 8.93 -6.61
C3 NAG H . -33.84 10.38 -6.29
C4 NAG H . -33.01 11.35 -7.12
C5 NAG H . -33.10 10.99 -8.59
C6 NAG H . -32.16 11.81 -9.45
C7 NAG H . -33.90 7.10 -5.02
C8 NAG H . -34.94 6.25 -4.36
N2 NAG H . -34.36 8.01 -5.89
O3 NAG H . -33.62 10.62 -4.90
O4 NAG H . -33.50 12.67 -6.95
O5 NAG H . -32.75 9.61 -8.80
O6 NAG H . -32.64 13.13 -9.65
O7 NAG H . -32.71 6.98 -4.79
C1 NAG H . -32.60 13.49 -6.15
C2 NAG H . -33.32 14.78 -5.85
C3 NAG H . -32.46 15.68 -4.94
C4 NAG H . -31.16 15.01 -4.53
C5 NAG H . -31.32 13.53 -4.14
C6 NAG H . -31.78 13.34 -2.71
C7 NAG H . -34.95 15.83 -7.37
C8 NAG H . -36.00 15.43 -6.37
N2 NAG H . -33.69 15.49 -7.07
O3 NAG H . -33.22 16.05 -3.80
O4 NAG H . -30.16 15.15 -5.52
O5 NAG H . -32.28 12.84 -4.96
O6 NAG H . -33.18 13.50 -2.59
O7 NAG H . -35.23 16.43 -8.40
C1 FUC H . -31.55 13.88 -10.21
C2 FUC H . -32.07 15.31 -10.54
C3 FUC H . -31.10 16.38 -10.03
C4 FUC H . -29.66 15.99 -10.37
C5 FUC H . -29.31 14.69 -9.66
C6 FUC H . -28.44 13.76 -10.51
O2 FUC H . -33.38 15.53 -10.05
O3 FUC H . -31.38 17.63 -10.63
O4 FUC H . -29.52 15.84 -11.77
O5 FUC H . -30.48 13.91 -9.29
C1 NAG I . 38.14 28.33 33.52
C2 NAG I . 37.41 29.23 34.49
C3 NAG I . 38.35 29.75 35.57
C4 NAG I . 39.67 28.97 35.60
C5 NAG I . 39.52 27.48 35.30
C6 NAG I . 39.02 26.68 36.49
C7 NAG I . 37.42 31.28 33.08
C8 NAG I . 36.57 32.32 32.44
N2 NAG I . 36.76 30.34 33.79
O3 NAG I . 37.70 29.64 36.84
O4 NAG I . 40.62 29.57 34.72
O5 NAG I . 38.62 27.21 34.21
O6 NAG I . 40.08 26.35 37.38
O7 NAG I . 38.64 31.27 32.97
#